data_5OST
#
_entry.id   5OST
#
_cell.length_a   177.617
_cell.length_b   54.090
_cell.length_c   83.559
_cell.angle_alpha   90.00
_cell.angle_beta   90.00
_cell.angle_gamma   90.00
#
_symmetry.space_group_name_H-M   'P 21 21 2'
#
loop_
_entity.id
_entity.type
_entity.pdbx_description
1 polymer Glucosylceramidase
2 non-polymer 'CALCIUM ION'
3 non-polymer 1,2-ETHANEDIOL
4 non-polymer 'CHLORIDE ION'
5 non-polymer (4~{S},5~{S},6~{R},7~{R})-7-(hydroxymethyl)-4,5,6,7-tetrahydro-1~{H}-benzimidazole-4,5,6-triol
6 water water
#
_entity_poly.entity_id   1
_entity_poly.type   'polypeptide(L)'
_entity_poly.pdbx_seq_one_letter_code
;AMALTGCSEKININEDKISHKIDIPDSAWTIGIGEKFKNAGHPNVKYPMIDDSYVQGAPLGGFGAGTIGRTYNGGFSRWH
LEIGKNKYTTVYANQFSVFQKVEGNKDGVAQVLYAGEPENGYLSSWKWDYPKESGMYYALYPNSWYTYTNKDLPVQLAVK
QFSPIIPYNYKETSYPVAVFKWTAYNPTNKNVDVSIMFTWQNMIGFFGKQVNVNSGNFNKIIKDKSKDSEIVAAVMGNIS
NDNEEWNGEYSIGVKKVPGVDISYKAKFVTTGDGSDLWHEFSKNGILDNKDDETPTKQDGIGSAIAVNFKLQPGQTIEVP
FALSWDLPIMKFGGGDKWYKMYTKYFGKNGKNSFAILKEALNNYQKWEKMIDDWQKPILSNKSKPDWYKTALFNELYYLA
DGGTAWENGKVGEKDKRTNNMFGLLECFDYNYYETLDVRFYGSFPLVMLWPDIEKQVMRQFADTINVQDSSEFKVGSNGA
MAVKKVQGMIPHDLGSSYALPWIKINAYDWQNPNIWKDLNSKYVLLVYRDYVLTGKTDKEFLKYTWKSVKTALDKLKEMD
KDNDGIPDNEGIPDQTYDTWSMKGTSAYCGSLWLAALKAAQEIGKVLKDNEAYIKYNEWYKIAQQNFEKELWNGEYYNFD
TESDHKDSIMADQLAGQWYADILRLGDILPKDHVQKALKKIYEFNVMKFENGKMGAVNGMRPDGIVDESDIQAQEVWTGV
TYALASFMKYRGMTEEAYNTAYGVYKMTYDKSGKGYWFRTPEAWTKDGNYRASMYMRPLSIWSMEVNYNEVLEHHHHHH
;
_entity_poly.pdbx_strand_id   A
#
# COMPACT_ATOMS: atom_id res chain seq x y z
N HIS A 20 -6.68 -6.06 -27.84
CA HIS A 20 -5.64 -5.07 -28.17
C HIS A 20 -6.30 -3.71 -28.14
N LYS A 21 -7.41 -3.64 -28.85
CA LYS A 21 -8.29 -2.49 -28.94
C LYS A 21 -9.12 -2.23 -27.68
N ILE A 22 -8.45 -2.07 -26.54
CA ILE A 22 -9.03 -1.63 -25.25
C ILE A 22 -8.05 -0.56 -24.70
N ASP A 23 -8.48 0.32 -23.80
CA ASP A 23 -7.70 1.51 -23.47
C ASP A 23 -6.66 1.32 -22.39
N ILE A 24 -5.61 0.52 -22.65
CA ILE A 24 -4.53 0.29 -21.64
C ILE A 24 -3.35 1.26 -21.76
N PRO A 25 -3.00 2.03 -20.71
CA PRO A 25 -1.88 2.99 -20.92
C PRO A 25 -0.51 2.34 -21.06
N ASP A 26 0.33 2.99 -21.83
CA ASP A 26 1.70 2.53 -22.10
C ASP A 26 2.59 2.41 -20.85
N SER A 27 2.32 3.21 -19.79
CA SER A 27 3.06 3.14 -18.55
C SER A 27 2.61 2.00 -17.63
N ALA A 28 1.59 1.23 -18.03
CA ALA A 28 1.19 0.02 -17.31
C ALA A 28 2.38 -0.90 -17.13
N TRP A 29 2.64 -1.37 -15.88
CA TRP A 29 3.61 -2.44 -15.68
C TRP A 29 3.00 -3.68 -16.37
N THR A 30 3.84 -4.48 -17.06
CA THR A 30 3.36 -5.69 -17.72
C THR A 30 4.27 -6.90 -17.56
N ILE A 31 3.67 -8.07 -17.73
CA ILE A 31 4.34 -9.34 -17.57
C ILE A 31 3.45 -10.37 -18.25
N GLY A 32 4.04 -11.45 -18.73
CA GLY A 32 3.23 -12.45 -19.38
C GLY A 32 2.55 -13.35 -18.36
N ILE A 33 1.31 -13.72 -18.67
CA ILE A 33 0.60 -14.70 -17.86
C ILE A 33 1.33 -16.03 -17.94
N GLY A 34 1.65 -16.58 -16.77
CA GLY A 34 2.43 -17.81 -16.59
C GLY A 34 3.97 -17.58 -16.63
N GLU A 35 4.43 -16.34 -16.64
CA GLU A 35 5.86 -16.09 -16.83
C GLU A 35 6.63 -16.52 -15.60
N LYS A 36 7.68 -17.30 -15.80
CA LYS A 36 8.62 -17.60 -14.72
C LYS A 36 9.70 -16.50 -14.66
N PHE A 37 10.06 -16.08 -13.46
CA PHE A 37 10.95 -14.98 -13.27
C PHE A 37 12.15 -15.60 -12.59
N LYS A 38 13.31 -15.25 -13.08
CA LYS A 38 14.47 -16.03 -12.85
C LYS A 38 15.41 -15.31 -11.87
N ASN A 39 15.29 -14.00 -11.65
CA ASN A 39 16.30 -13.37 -10.79
C ASN A 39 15.75 -12.92 -9.41
N ALA A 40 14.80 -13.65 -8.80
CA ALA A 40 14.02 -13.08 -7.69
C ALA A 40 14.84 -12.92 -6.42
N GLY A 41 14.67 -11.80 -5.75
CA GLY A 41 15.26 -11.59 -4.46
C GLY A 41 14.65 -12.37 -3.29
N HIS A 42 15.47 -12.52 -2.24
CA HIS A 42 15.05 -13.20 -1.03
C HIS A 42 15.52 -12.40 0.16
N PRO A 43 14.99 -12.69 1.38
CA PRO A 43 15.38 -11.86 2.56
C PRO A 43 16.85 -12.03 2.92
N ASN A 44 17.48 -10.93 3.28
CA ASN A 44 18.90 -10.90 3.58
C ASN A 44 19.25 -10.88 5.08
N VAL A 45 18.30 -11.25 5.93
CA VAL A 45 18.49 -11.32 7.39
C VAL A 45 18.48 -12.82 7.81
N LYS A 46 18.95 -13.10 9.03
CA LYS A 46 18.97 -14.46 9.60
C LYS A 46 17.59 -14.85 10.18
N TYR A 47 17.00 -13.96 10.98
CA TYR A 47 15.65 -14.19 11.50
C TYR A 47 14.60 -14.35 10.38
N PRO A 48 13.56 -15.17 10.61
CA PRO A 48 12.51 -15.33 9.61
C PRO A 48 11.85 -14.02 9.17
N MET A 49 11.39 -14.01 7.93
CA MET A 49 10.80 -12.81 7.32
C MET A 49 9.87 -13.21 6.19
N ILE A 50 8.84 -12.41 5.95
CA ILE A 50 7.86 -12.78 4.92
C ILE A 50 8.54 -12.79 3.57
N ASP A 51 8.36 -13.86 2.80
CA ASP A 51 8.74 -13.93 1.38
C ASP A 51 7.66 -14.70 0.63
N ASP A 52 6.67 -13.96 0.10
CA ASP A 52 5.54 -14.59 -0.64
C ASP A 52 5.84 -14.91 -2.13
N SER A 53 7.09 -14.76 -2.59
CA SER A 53 7.38 -14.92 -4.02
C SER A 53 6.87 -13.68 -4.83
N TYR A 54 7.11 -13.77 -6.12
CA TYR A 54 7.03 -12.71 -7.11
C TYR A 54 5.72 -12.84 -7.86
N VAL A 55 5.00 -13.94 -7.64
CA VAL A 55 3.66 -14.09 -8.19
C VAL A 55 2.71 -13.18 -7.36
N GLN A 56 2.64 -11.93 -7.76
CA GLN A 56 1.81 -10.92 -7.12
C GLN A 56 1.01 -10.11 -8.17
N GLY A 57 0.20 -9.16 -7.72
CA GLY A 57 -0.54 -8.33 -8.60
C GLY A 57 -1.13 -7.15 -7.85
N ALA A 58 -1.85 -6.30 -8.56
CA ALA A 58 -2.37 -5.08 -7.95
C ALA A 58 -3.56 -5.44 -7.09
N PRO A 59 -3.62 -4.91 -5.85
CA PRO A 59 -4.76 -5.21 -4.98
C PRO A 59 -6.11 -4.70 -5.46
N LEU A 60 -7.15 -5.46 -5.12
CA LEU A 60 -8.55 -5.02 -5.16
C LEU A 60 -9.02 -4.68 -3.73
N GLY A 61 -9.90 -3.67 -3.61
CA GLY A 61 -10.48 -3.31 -2.33
C GLY A 61 -10.12 -1.90 -1.90
N GLY A 62 -11.04 -1.28 -1.17
CA GLY A 62 -10.91 0.07 -0.67
C GLY A 62 -10.08 0.22 0.61
N PHE A 63 -9.88 1.46 0.99
CA PHE A 63 -9.18 1.83 2.22
C PHE A 63 -9.98 1.33 3.39
N GLY A 64 -9.31 0.47 4.20
CA GLY A 64 -9.93 -0.03 5.39
C GLY A 64 -10.96 -1.15 5.15
N ALA A 65 -11.15 -1.60 3.92
CA ALA A 65 -12.15 -2.65 3.60
C ALA A 65 -11.61 -4.04 3.72
N GLY A 66 -10.30 -4.12 3.91
CA GLY A 66 -9.51 -5.30 3.65
C GLY A 66 -9.38 -5.54 2.16
N THR A 67 -8.22 -6.03 1.73
CA THR A 67 -7.90 -6.16 0.33
C THR A 67 -7.62 -7.60 -0.11
N ILE A 68 -7.79 -7.79 -1.41
CA ILE A 68 -7.55 -9.05 -2.10
C ILE A 68 -6.54 -8.88 -3.26
N GLY A 69 -5.45 -9.65 -3.17
CA GLY A 69 -4.35 -9.64 -4.13
C GLY A 69 -4.59 -10.68 -5.16
N ARG A 70 -5.04 -10.26 -6.35
CA ARG A 70 -5.17 -11.15 -7.49
C ARG A 70 -3.91 -11.03 -8.32
N THR A 71 -3.24 -12.15 -8.51
CA THR A 71 -1.90 -12.13 -9.12
C THR A 71 -1.95 -12.16 -10.65
N TYR A 72 -0.79 -11.89 -11.25
CA TYR A 72 -0.65 -11.89 -12.70
C TYR A 72 -0.96 -13.23 -13.38
N ASN A 73 -0.87 -14.34 -12.65
CA ASN A 73 -1.32 -15.64 -13.13
C ASN A 73 -2.82 -15.91 -13.04
N GLY A 74 -3.52 -15.04 -12.31
CA GLY A 74 -4.97 -15.03 -12.24
C GLY A 74 -5.60 -15.41 -10.92
N GLY A 75 -4.82 -16.04 -10.03
CA GLY A 75 -5.27 -16.50 -8.73
C GLY A 75 -5.55 -15.38 -7.74
N PHE A 76 -6.56 -15.59 -6.90
CA PHE A 76 -6.81 -14.75 -5.72
C PHE A 76 -5.97 -15.39 -4.56
N SER A 77 -4.84 -14.74 -4.22
CA SER A 77 -3.80 -15.36 -3.44
C SER A 77 -3.23 -14.56 -2.31
N ARG A 78 -3.27 -13.24 -2.35
CA ARG A 78 -2.74 -12.50 -1.24
C ARG A 78 -3.89 -11.85 -0.49
N TRP A 79 -4.30 -12.48 0.61
CA TRP A 79 -5.48 -12.03 1.37
C TRP A 79 -5.01 -11.19 2.50
N HIS A 80 -5.51 -9.97 2.53
CA HIS A 80 -5.35 -9.02 3.58
C HIS A 80 -6.76 -8.66 4.10
N LEU A 81 -7.68 -9.63 4.12
CA LEU A 81 -9.05 -9.46 4.64
C LEU A 81 -9.17 -9.38 6.17
N GLU A 82 -8.31 -10.13 6.87
CA GLU A 82 -8.08 -9.98 8.30
C GLU A 82 -7.13 -8.73 8.45
N ILE A 83 -7.65 -7.62 8.96
CA ILE A 83 -6.96 -6.33 8.84
C ILE A 83 -5.70 -6.39 9.68
N GLY A 84 -4.54 -6.15 9.09
CA GLY A 84 -3.28 -6.25 9.85
C GLY A 84 -2.44 -7.49 9.58
N LYS A 85 -3.02 -8.49 8.90
CA LYS A 85 -2.34 -9.72 8.60
C LYS A 85 -2.20 -9.95 7.09
N ASN A 86 -1.16 -10.72 6.74
CA ASN A 86 -0.84 -11.08 5.37
C ASN A 86 -0.89 -12.58 5.31
N LYS A 87 -1.81 -13.11 4.49
CA LYS A 87 -1.97 -14.50 4.27
C LYS A 87 -1.93 -14.84 2.74
N TYR A 88 -0.86 -15.48 2.30
CA TYR A 88 -0.63 -15.78 0.91
C TYR A 88 -1.07 -17.21 0.68
N THR A 89 -2.14 -17.44 -0.02
CA THR A 89 -2.64 -18.80 -0.34
C THR A 89 -3.73 -18.66 -1.43
N THR A 90 -3.59 -19.43 -2.49
CA THR A 90 -4.50 -19.37 -3.61
C THR A 90 -5.76 -20.17 -3.24
N VAL A 91 -6.88 -19.50 -3.25
CA VAL A 91 -8.16 -20.15 -3.08
C VAL A 91 -8.55 -20.56 -4.48
N TYR A 92 -8.26 -21.80 -4.84
CA TYR A 92 -8.41 -22.26 -6.19
C TYR A 92 -9.80 -22.19 -6.82
N ALA A 93 -10.88 -22.27 -6.07
CA ALA A 93 -12.19 -22.17 -6.67
C ALA A 93 -12.54 -20.74 -7.11
N ASN A 94 -11.72 -19.74 -6.71
CA ASN A 94 -11.92 -18.33 -7.11
C ASN A 94 -11.33 -18.03 -8.45
N GLN A 95 -12.16 -18.04 -9.49
CA GLN A 95 -11.61 -18.00 -10.86
C GLN A 95 -12.53 -17.31 -11.86
N PHE A 96 -11.98 -16.87 -13.00
CA PHE A 96 -12.80 -16.70 -14.23
C PHE A 96 -12.42 -17.86 -15.16
N SER A 97 -13.41 -18.40 -15.83
CA SER A 97 -13.19 -19.46 -16.78
C SER A 97 -13.95 -19.07 -18.05
N VAL A 98 -13.63 -19.77 -19.13
CA VAL A 98 -14.16 -19.45 -20.43
C VAL A 98 -14.45 -20.74 -21.14
N PHE A 99 -15.49 -20.66 -21.97
CA PHE A 99 -15.87 -21.69 -22.92
C PHE A 99 -16.06 -21.03 -24.28
N GLN A 100 -15.54 -21.67 -25.33
CA GLN A 100 -15.72 -21.21 -26.72
C GLN A 100 -16.08 -22.39 -27.63
N LYS A 101 -16.98 -22.14 -28.57
CA LYS A 101 -17.32 -23.14 -29.59
C LYS A 101 -17.67 -22.47 -30.90
N VAL A 102 -16.91 -22.86 -31.93
CA VAL A 102 -17.02 -22.33 -33.30
C VAL A 102 -18.24 -22.97 -33.92
N GLU A 103 -19.11 -22.15 -34.50
CA GLU A 103 -20.35 -22.65 -35.14
C GLU A 103 -20.02 -23.75 -36.14
N GLY A 104 -20.72 -24.88 -36.03
CA GLY A 104 -20.46 -26.04 -36.90
C GLY A 104 -19.30 -26.95 -36.50
N ASN A 105 -18.77 -26.78 -35.28
CA ASN A 105 -17.87 -27.79 -34.67
C ASN A 105 -18.70 -28.74 -33.78
N LYS A 106 -18.28 -30.00 -33.65
CA LYS A 106 -18.91 -30.96 -32.72
C LYS A 106 -18.74 -30.48 -31.25
N ASP A 107 -17.48 -30.15 -30.86
CA ASP A 107 -17.13 -29.83 -29.46
C ASP A 107 -16.54 -28.42 -29.30
N GLY A 108 -16.96 -27.71 -28.25
CA GLY A 108 -16.26 -26.50 -27.82
C GLY A 108 -15.17 -26.85 -26.87
N VAL A 109 -14.53 -25.82 -26.33
CA VAL A 109 -13.58 -25.97 -25.26
C VAL A 109 -13.83 -25.04 -24.08
N ALA A 110 -13.38 -25.50 -22.91
CA ALA A 110 -13.54 -24.81 -21.65
C ALA A 110 -12.19 -24.71 -20.95
N GLN A 111 -11.89 -23.58 -20.30
CA GLN A 111 -10.57 -23.36 -19.65
C GLN A 111 -10.65 -22.36 -18.43
N VAL A 112 -9.97 -22.72 -17.34
CA VAL A 112 -9.90 -21.83 -16.19
C VAL A 112 -8.80 -20.86 -16.62
N LEU A 113 -9.01 -19.56 -16.40
CA LEU A 113 -7.96 -18.52 -16.67
C LEU A 113 -6.97 -18.40 -15.51
N TYR A 114 -6.27 -19.49 -15.27
CA TYR A 114 -5.29 -19.57 -14.21
C TYR A 114 -4.12 -20.39 -14.71
N ALA A 115 -2.94 -19.75 -14.69
CA ALA A 115 -1.69 -20.32 -15.10
C ALA A 115 -1.07 -21.12 -13.95
N GLY A 116 -1.74 -22.21 -13.62
CA GLY A 116 -1.32 -23.14 -12.56
C GLY A 116 -2.42 -24.19 -12.34
N GLU A 117 -2.28 -24.95 -11.28
CA GLU A 117 -3.24 -25.99 -10.85
C GLU A 117 -3.18 -26.20 -9.32
N PRO A 118 -4.28 -26.74 -8.71
CA PRO A 118 -4.31 -27.08 -7.27
C PRO A 118 -3.13 -27.93 -6.72
N GLY A 121 -5.10 -31.19 -5.41
CA GLY A 121 -6.08 -31.73 -4.47
C GLY A 121 -7.50 -31.62 -5.04
N TYR A 122 -8.19 -30.51 -4.75
CA TYR A 122 -9.61 -30.39 -5.14
C TYR A 122 -9.77 -29.90 -6.56
N LEU A 123 -11.00 -29.98 -7.07
CA LEU A 123 -11.41 -29.43 -8.40
C LEU A 123 -10.74 -30.08 -9.63
N SER A 124 -10.37 -31.35 -9.52
CA SER A 124 -9.59 -32.03 -10.55
C SER A 124 -10.32 -32.08 -11.90
N SER A 125 -11.64 -32.03 -11.92
CA SER A 125 -12.36 -32.04 -13.21
C SER A 125 -12.21 -30.75 -14.01
N TRP A 126 -11.89 -29.64 -13.36
CA TRP A 126 -11.74 -28.35 -14.04
C TRP A 126 -10.51 -28.40 -14.95
N LYS A 127 -10.50 -27.53 -15.97
CA LYS A 127 -9.42 -27.46 -16.94
C LYS A 127 -8.38 -26.40 -16.49
N TRP A 128 -7.27 -26.89 -15.94
CA TRP A 128 -6.23 -26.08 -15.30
C TRP A 128 -5.12 -25.68 -16.28
N ASP A 129 -4.03 -25.12 -15.72
CA ASP A 129 -2.79 -24.84 -16.51
C ASP A 129 -3.05 -24.04 -17.77
N TYR A 130 -3.61 -22.85 -17.61
CA TYR A 130 -3.67 -21.91 -18.72
C TYR A 130 -2.26 -21.74 -19.31
N PRO A 131 -2.13 -21.89 -20.66
CA PRO A 131 -0.80 -22.08 -21.21
C PRO A 131 0.02 -20.78 -21.30
N LYS A 132 1.35 -20.98 -21.28
CA LYS A 132 2.36 -19.90 -21.46
C LYS A 132 2.20 -19.12 -22.76
N GLU A 133 2.73 -17.90 -22.79
CA GLU A 133 2.88 -17.13 -24.05
C GLU A 133 1.50 -16.97 -24.76
N SER A 134 0.43 -16.87 -23.97
CA SER A 134 -0.94 -16.78 -24.45
C SER A 134 -1.74 -15.69 -23.76
N GLY A 135 -1.07 -14.63 -23.30
CA GLY A 135 -1.78 -13.57 -22.58
C GLY A 135 -0.85 -12.71 -21.77
N MET A 136 -1.35 -11.55 -21.36
CA MET A 136 -0.52 -10.59 -20.66
C MET A 136 -1.32 -10.07 -19.49
N TYR A 137 -0.59 -9.64 -18.47
CA TYR A 137 -1.11 -8.89 -17.32
C TYR A 137 -0.57 -7.48 -17.36
N TYR A 138 -1.42 -6.50 -17.04
CA TYR A 138 -1.01 -5.10 -17.04
C TYR A 138 -1.51 -4.45 -15.74
N ALA A 139 -0.79 -3.47 -15.22
CA ALA A 139 -1.16 -2.85 -13.99
C ALA A 139 -0.79 -1.39 -13.96
N LEU A 140 -1.78 -0.53 -13.77
CA LEU A 140 -1.49 0.84 -13.43
C LEU A 140 -2.52 1.25 -12.35
N TYR A 141 -2.08 1.12 -11.09
CA TYR A 141 -2.94 1.19 -9.92
C TYR A 141 -3.77 2.49 -9.95
N PRO A 142 -5.10 2.40 -9.82
CA PRO A 142 -5.84 1.22 -9.30
C PRO A 142 -6.36 0.21 -10.28
N ASN A 143 -6.07 0.40 -11.58
CA ASN A 143 -6.57 -0.49 -12.63
C ASN A 143 -5.54 -1.58 -12.90
N SER A 144 -6.06 -2.75 -13.22
CA SER A 144 -5.25 -3.79 -13.84
C SER A 144 -6.05 -4.47 -14.94
N TRP A 145 -5.36 -5.20 -15.82
CA TRP A 145 -5.94 -5.78 -17.00
C TRP A 145 -5.34 -7.16 -17.28
N TYR A 146 -6.16 -8.09 -17.80
CA TYR A 146 -5.58 -9.29 -18.45
C TYR A 146 -6.04 -9.34 -19.89
N THR A 147 -5.16 -9.78 -20.79
CA THR A 147 -5.56 -10.06 -22.18
C THR A 147 -5.25 -11.51 -22.45
N TYR A 148 -6.11 -12.13 -23.24
CA TYR A 148 -6.04 -13.56 -23.50
C TYR A 148 -6.01 -13.77 -24.99
N THR A 149 -4.83 -14.15 -25.51
CA THR A 149 -4.58 -14.33 -26.95
C THR A 149 -4.04 -15.75 -27.10
N ASN A 150 -4.93 -16.70 -27.35
CA ASN A 150 -4.64 -18.11 -27.20
C ASN A 150 -4.98 -18.76 -28.53
N LYS A 151 -3.99 -19.50 -29.07
CA LYS A 151 -4.13 -20.35 -30.30
C LYS A 151 -5.49 -21.03 -30.39
N ASP A 152 -5.95 -21.62 -29.27
CA ASP A 152 -7.24 -22.32 -29.21
C ASP A 152 -8.44 -21.52 -28.71
N LEU A 153 -8.36 -20.19 -28.75
CA LEU A 153 -9.48 -19.37 -28.31
C LEU A 153 -9.72 -18.32 -29.38
N PRO A 154 -10.45 -18.74 -30.42
CA PRO A 154 -10.79 -17.88 -31.53
C PRO A 154 -11.22 -16.49 -31.11
N VAL A 155 -12.15 -16.34 -30.18
CA VAL A 155 -12.55 -15.00 -29.69
C VAL A 155 -11.51 -14.45 -28.72
N GLN A 156 -11.05 -13.24 -28.99
CA GLN A 156 -10.09 -12.51 -28.12
C GLN A 156 -10.80 -11.95 -26.91
N LEU A 157 -10.22 -12.14 -25.72
CA LEU A 157 -10.79 -11.63 -24.48
C LEU A 157 -9.82 -10.77 -23.71
N ALA A 158 -10.40 -9.80 -22.99
CA ALA A 158 -9.67 -8.92 -22.08
C ALA A 158 -10.52 -8.55 -20.90
N VAL A 159 -9.88 -8.22 -19.78
CA VAL A 159 -10.60 -7.74 -18.64
C VAL A 159 -9.90 -6.58 -18.00
N LYS A 160 -10.69 -5.59 -17.61
CA LYS A 160 -10.20 -4.48 -16.80
C LYS A 160 -10.82 -4.60 -15.43
N GLN A 161 -10.00 -4.67 -14.41
CA GLN A 161 -10.47 -4.85 -13.04
C GLN A 161 -10.00 -3.70 -12.17
N PHE A 162 -10.85 -3.26 -11.24
CA PHE A 162 -10.50 -2.15 -10.38
C PHE A 162 -11.46 -2.00 -9.23
N SER A 163 -11.02 -1.19 -8.27
CA SER A 163 -11.81 -0.70 -7.16
C SER A 163 -11.72 0.81 -7.24
N PRO A 164 -12.80 1.51 -6.77
CA PRO A 164 -12.86 2.96 -6.99
C PRO A 164 -12.07 3.74 -6.00
N ILE A 165 -10.76 3.76 -6.22
CA ILE A 165 -9.81 4.49 -5.36
C ILE A 165 -9.63 5.86 -5.96
N ILE A 166 -10.15 6.90 -5.33
CA ILE A 166 -10.29 8.19 -5.96
C ILE A 166 -9.88 9.29 -4.99
N PRO A 167 -8.80 10.05 -5.33
CA PRO A 167 -8.43 11.18 -4.50
C PRO A 167 -9.56 12.13 -4.16
N TYR A 168 -9.57 12.64 -2.92
CA TYR A 168 -10.52 13.61 -2.39
C TYR A 168 -11.94 13.05 -2.25
N ASN A 169 -12.10 11.72 -2.36
CA ASN A 169 -13.33 11.00 -2.16
C ASN A 169 -13.04 9.99 -1.05
N TYR A 170 -13.79 10.08 0.06
CA TYR A 170 -13.59 9.23 1.22
C TYR A 170 -14.76 8.26 1.31
N LYS A 171 -15.51 8.08 0.22
CA LYS A 171 -16.76 7.30 0.25
C LYS A 171 -16.51 6.03 -0.52
N GLU A 172 -16.55 6.11 -1.85
CA GLU A 172 -16.33 4.99 -2.74
C GLU A 172 -14.98 4.36 -2.49
N THR A 173 -13.95 5.19 -2.30
CA THR A 173 -12.60 4.79 -1.83
C THR A 173 -12.51 3.72 -0.66
N SER A 174 -13.52 3.70 0.23
CA SER A 174 -13.67 2.71 1.31
C SER A 174 -14.36 1.41 0.94
N TYR A 175 -14.96 1.32 -0.22
CA TYR A 175 -15.87 0.23 -0.51
C TYR A 175 -15.08 -1.11 -0.66
N PRO A 176 -15.59 -2.20 -0.08
CA PRO A 176 -15.06 -3.54 -0.29
C PRO A 176 -15.68 -4.15 -1.56
N VAL A 177 -15.29 -3.59 -2.68
CA VAL A 177 -15.81 -3.96 -3.97
C VAL A 177 -14.70 -4.01 -5.08
N ALA A 178 -14.92 -4.86 -6.06
CA ALA A 178 -14.12 -4.85 -7.27
C ALA A 178 -15.04 -5.08 -8.48
N VAL A 179 -14.73 -4.39 -9.59
CA VAL A 179 -15.46 -4.56 -10.86
C VAL A 179 -14.52 -5.25 -11.84
N PHE A 180 -15.08 -6.12 -12.65
CA PHE A 180 -14.30 -6.79 -13.71
C PHE A 180 -15.09 -6.61 -15.02
N LYS A 181 -14.68 -5.59 -15.82
CA LYS A 181 -15.25 -5.26 -17.12
C LYS A 181 -14.63 -6.09 -18.24
N TRP A 182 -15.42 -7.00 -18.78
CA TRP A 182 -14.97 -7.93 -19.81
C TRP A 182 -15.21 -7.36 -21.22
N THR A 183 -14.22 -7.53 -22.12
CA THR A 183 -14.38 -7.25 -23.54
C THR A 183 -14.04 -8.49 -24.34
N ALA A 184 -14.79 -8.72 -25.40
CA ALA A 184 -14.70 -9.94 -26.21
C ALA A 184 -14.92 -9.60 -27.66
N TYR A 185 -13.97 -10.08 -28.48
CA TYR A 185 -13.84 -9.68 -29.87
C TYR A 185 -13.64 -10.92 -30.73
N ASN A 186 -14.47 -11.06 -31.76
CA ASN A 186 -14.36 -12.13 -32.79
C ASN A 186 -13.57 -11.61 -34.03
N PRO A 187 -12.23 -11.83 -34.07
CA PRO A 187 -11.52 -11.46 -35.30
C PRO A 187 -11.76 -12.46 -36.51
N THR A 188 -12.23 -13.69 -36.24
CA THR A 188 -12.35 -14.75 -37.26
C THR A 188 -13.58 -14.50 -38.11
N ASN A 189 -13.78 -15.35 -39.11
CA ASN A 189 -14.90 -15.21 -40.08
C ASN A 189 -16.04 -16.24 -39.81
N LYS A 190 -15.95 -16.98 -38.71
CA LYS A 190 -17.06 -17.85 -38.24
C LYS A 190 -17.71 -17.24 -36.96
N ASN A 191 -19.02 -17.47 -36.83
CA ASN A 191 -19.75 -17.28 -35.56
C ASN A 191 -19.17 -18.18 -34.46
N VAL A 192 -18.93 -17.60 -33.27
CA VAL A 192 -18.46 -18.34 -32.09
C VAL A 192 -19.36 -18.11 -30.89
N ASP A 193 -19.74 -19.21 -30.25
CA ASP A 193 -20.44 -19.15 -28.98
C ASP A 193 -19.42 -19.05 -27.85
N VAL A 194 -19.65 -18.09 -26.95
CA VAL A 194 -18.70 -17.81 -25.88
C VAL A 194 -19.39 -17.71 -24.56
N SER A 195 -18.75 -18.26 -23.52
CA SER A 195 -19.18 -18.08 -22.14
C SER A 195 -18.04 -17.58 -21.26
N ILE A 196 -18.40 -16.75 -20.27
CA ILE A 196 -17.44 -16.30 -19.21
C ILE A 196 -18.12 -16.58 -17.87
N MET A 197 -17.42 -17.34 -17.02
CA MET A 197 -17.91 -17.78 -15.71
C MET A 197 -17.04 -17.27 -14.59
N PHE A 198 -17.66 -16.64 -13.59
CA PHE A 198 -17.03 -16.27 -12.34
C PHE A 198 -17.43 -17.29 -11.27
N THR A 199 -16.46 -17.92 -10.60
CA THR A 199 -16.64 -18.80 -9.46
C THR A 199 -15.98 -18.24 -8.22
N TRP A 200 -16.69 -18.38 -7.11
CA TRP A 200 -16.26 -17.90 -5.82
C TRP A 200 -16.65 -18.91 -4.75
N GLN A 201 -15.67 -19.27 -3.91
CA GLN A 201 -15.89 -20.01 -2.66
C GLN A 201 -16.56 -19.10 -1.61
N ASN A 202 -17.56 -19.63 -0.92
CA ASN A 202 -18.13 -19.00 0.28
C ASN A 202 -17.05 -19.07 1.38
N MET A 203 -16.41 -17.94 1.59
CA MET A 203 -15.19 -17.86 2.38
C MET A 203 -15.55 -17.45 3.78
N ILE A 204 -16.82 -17.52 4.17
CA ILE A 204 -17.13 -17.23 5.57
C ILE A 204 -16.46 -18.35 6.40
N GLY A 205 -15.68 -17.93 7.40
CA GLY A 205 -14.90 -18.81 8.21
C GLY A 205 -13.49 -19.04 7.72
N PHE A 206 -13.09 -18.40 6.64
CA PHE A 206 -11.69 -18.47 6.18
C PHE A 206 -10.70 -18.01 7.27
N PHE A 207 -11.05 -17.00 8.06
CA PHE A 207 -10.33 -16.62 9.30
C PHE A 207 -11.33 -16.17 10.39
N GLY A 208 -10.82 -15.98 11.63
CA GLY A 208 -11.60 -15.48 12.75
C GLY A 208 -12.59 -16.50 13.39
N LYS A 209 -12.69 -17.70 12.82
CA LYS A 209 -13.60 -18.71 13.32
C LYS A 209 -12.79 -19.89 13.90
N GLN A 210 -12.95 -20.15 15.21
CA GLN A 210 -12.10 -21.07 15.96
C GLN A 210 -12.46 -22.56 15.82
N VAL A 211 -13.73 -22.87 15.55
CA VAL A 211 -14.21 -24.23 15.28
C VAL A 211 -15.16 -24.24 14.07
N ASN A 212 -15.25 -25.40 13.41
CA ASN A 212 -16.33 -25.61 12.37
C ASN A 212 -16.43 -24.52 11.27
N VAL A 213 -15.41 -24.49 10.41
CA VAL A 213 -15.10 -23.31 9.58
C VAL A 213 -16.11 -23.06 8.44
N ASN A 214 -16.77 -24.11 7.99
CA ASN A 214 -17.81 -23.98 6.96
C ASN A 214 -19.26 -24.03 7.49
N SER A 215 -19.45 -24.57 8.67
CA SER A 215 -20.77 -24.89 9.21
C SER A 215 -21.74 -23.70 9.22
N GLY A 216 -22.94 -23.90 8.65
CA GLY A 216 -23.90 -22.87 8.51
C GLY A 216 -23.73 -21.93 7.32
N ASN A 217 -22.64 -22.10 6.51
CA ASN A 217 -22.51 -21.36 5.29
C ASN A 217 -23.60 -21.79 4.31
N PHE A 218 -24.11 -20.82 3.58
CA PHE A 218 -25.15 -21.07 2.55
C PHE A 218 -25.18 -19.95 1.51
N ASN A 219 -25.57 -20.34 0.30
CA ASN A 219 -25.53 -19.44 -0.83
C ASN A 219 -26.94 -19.22 -1.34
N LYS A 220 -27.25 -17.97 -1.70
CA LYS A 220 -28.51 -17.70 -2.39
C LYS A 220 -28.30 -16.87 -3.63
N ILE A 221 -29.28 -16.90 -4.53
CA ILE A 221 -29.30 -16.21 -5.80
C ILE A 221 -30.27 -15.01 -5.76
N ILE A 222 -29.78 -13.77 -5.98
CA ILE A 222 -30.67 -12.59 -6.15
C ILE A 222 -30.85 -12.28 -7.63
N LYS A 223 -32.09 -12.24 -8.12
CA LYS A 223 -32.40 -11.71 -9.46
C LYS A 223 -33.06 -10.37 -9.29
N ASP A 224 -32.32 -9.31 -9.57
CA ASP A 224 -32.84 -7.95 -9.54
C ASP A 224 -33.24 -7.48 -10.94
N LYS A 225 -34.53 -7.31 -11.18
CA LYS A 225 -35.06 -7.10 -12.53
C LYS A 225 -35.58 -5.67 -12.78
N SER A 226 -34.79 -4.63 -12.47
CA SER A 226 -35.15 -3.24 -12.86
C SER A 226 -35.12 -3.01 -14.42
N LYS A 227 -35.92 -2.05 -14.93
CA LYS A 227 -35.90 -1.62 -16.35
C LYS A 227 -34.49 -1.18 -16.75
N ASP A 228 -33.95 -1.89 -17.77
CA ASP A 228 -32.61 -1.67 -18.32
C ASP A 228 -31.44 -1.95 -17.37
N SER A 229 -31.66 -2.64 -16.25
CA SER A 229 -30.58 -2.90 -15.30
C SER A 229 -30.73 -4.26 -14.57
N GLU A 230 -30.97 -5.34 -15.33
CA GLU A 230 -31.01 -6.69 -14.73
C GLU A 230 -29.66 -7.14 -14.15
N ILE A 231 -29.70 -7.52 -12.88
CA ILE A 231 -28.57 -8.08 -12.17
C ILE A 231 -28.94 -9.47 -11.68
N VAL A 232 -28.03 -10.42 -11.87
CA VAL A 232 -28.09 -11.70 -11.22
C VAL A 232 -26.87 -11.85 -10.33
N ALA A 233 -27.09 -12.11 -9.04
CA ALA A 233 -26.01 -12.20 -8.03
C ALA A 233 -26.13 -13.43 -7.16
N ALA A 234 -24.98 -13.89 -6.72
CA ALA A 234 -24.87 -14.92 -5.68
C ALA A 234 -24.41 -14.26 -4.38
N VAL A 235 -25.15 -14.55 -3.30
CA VAL A 235 -24.81 -14.05 -1.95
C VAL A 235 -24.42 -15.24 -1.14
N MET A 236 -23.19 -15.23 -0.68
CA MET A 236 -22.58 -16.34 0.01
C MET A 236 -22.36 -15.91 1.47
N GLY A 237 -23.08 -16.51 2.39
CA GLY A 237 -23.02 -16.10 3.81
C GLY A 237 -23.14 -17.26 4.75
N ASN A 238 -23.67 -16.94 5.93
CA ASN A 238 -23.90 -17.91 6.96
C ASN A 238 -25.27 -17.67 7.63
N ILE A 239 -25.86 -18.74 8.15
CA ILE A 239 -27.16 -18.63 8.80
C ILE A 239 -27.10 -17.88 10.16
N SER A 240 -25.95 -17.78 10.81
CA SER A 240 -25.84 -17.05 12.08
C SER A 240 -26.04 -15.56 11.88
N ASN A 241 -26.64 -14.88 12.86
CA ASN A 241 -26.69 -13.40 12.86
C ASN A 241 -25.74 -12.79 13.86
N ASP A 242 -24.80 -13.58 14.38
CA ASP A 242 -23.74 -13.05 15.26
C ASP A 242 -23.04 -11.83 14.67
N ASN A 243 -22.33 -11.09 15.49
CA ASN A 243 -21.59 -9.93 15.04
C ASN A 243 -20.18 -10.21 15.41
N GLU A 244 -19.54 -11.05 14.59
CA GLU A 244 -18.16 -11.42 14.78
C GLU A 244 -17.33 -11.03 13.57
N GLU A 245 -16.04 -10.87 13.79
CA GLU A 245 -15.10 -10.63 12.71
C GLU A 245 -15.33 -11.61 11.56
N TRP A 246 -15.66 -12.86 11.83
CA TRP A 246 -15.68 -13.86 10.77
C TRP A 246 -16.95 -13.83 9.94
N ASN A 247 -17.98 -13.15 10.41
CA ASN A 247 -19.27 -13.29 9.79
C ASN A 247 -19.59 -12.05 8.94
N GLY A 248 -20.29 -12.33 7.84
CA GLY A 248 -20.61 -11.40 6.82
C GLY A 248 -21.11 -12.12 5.57
N GLU A 249 -21.06 -11.39 4.46
CA GLU A 249 -21.35 -11.98 3.14
C GLU A 249 -20.26 -11.63 2.10
N TYR A 250 -20.00 -12.56 1.19
CA TYR A 250 -19.39 -12.30 -0.13
C TYR A 250 -20.50 -12.32 -1.22
N SER A 251 -20.37 -11.46 -2.20
CA SER A 251 -21.20 -11.56 -3.40
C SER A 251 -20.38 -11.49 -4.71
N ILE A 252 -20.75 -12.31 -5.68
CA ILE A 252 -20.35 -12.15 -7.06
C ILE A 252 -21.60 -12.03 -7.94
N GLY A 253 -21.56 -11.22 -8.99
CA GLY A 253 -22.71 -11.13 -9.91
C GLY A 253 -22.36 -10.44 -11.20
N VAL A 254 -23.39 -10.26 -12.04
CA VAL A 254 -23.19 -9.79 -13.39
C VAL A 254 -24.35 -8.92 -13.83
N LYS A 255 -24.07 -7.90 -14.60
CA LYS A 255 -25.11 -7.10 -15.26
C LYS A 255 -25.45 -7.59 -16.69
N LYS A 256 -26.67 -7.97 -16.94
CA LYS A 256 -27.17 -8.21 -18.32
C LYS A 256 -26.91 -7.00 -19.26
N VAL A 257 -26.27 -7.30 -20.41
CA VAL A 257 -26.12 -6.38 -21.53
C VAL A 257 -26.88 -7.03 -22.72
N PRO A 258 -27.28 -6.23 -23.71
CA PRO A 258 -27.88 -6.75 -24.95
C PRO A 258 -27.05 -7.82 -25.64
N GLY A 259 -27.67 -8.96 -25.94
CA GLY A 259 -27.03 -10.03 -26.65
C GLY A 259 -26.40 -11.07 -25.74
N VAL A 260 -26.41 -10.88 -24.41
CA VAL A 260 -25.96 -11.94 -23.46
C VAL A 260 -27.12 -12.56 -22.67
N ASP A 261 -27.02 -13.87 -22.47
CA ASP A 261 -27.80 -14.63 -21.50
C ASP A 261 -26.95 -14.83 -20.22
N ILE A 262 -27.62 -14.94 -19.06
CA ILE A 262 -26.98 -15.19 -17.77
C ILE A 262 -27.45 -16.56 -17.31
N SER A 263 -26.54 -17.31 -16.72
CA SER A 263 -26.87 -18.58 -16.05
C SER A 263 -26.06 -18.67 -14.76
N TYR A 264 -26.42 -19.59 -13.87
CA TYR A 264 -25.77 -19.68 -12.55
C TYR A 264 -25.90 -21.05 -11.93
N LYS A 265 -25.13 -21.18 -10.87
CA LYS A 265 -25.17 -22.37 -9.99
C LYS A 265 -24.87 -21.87 -8.59
N ALA A 266 -25.83 -22.05 -7.69
CA ALA A 266 -25.79 -21.48 -6.32
C ALA A 266 -24.78 -22.16 -5.40
N LYS A 267 -24.60 -23.47 -5.61
CA LYS A 267 -23.90 -24.32 -4.69
C LYS A 267 -23.23 -25.47 -5.43
N PHE A 268 -21.91 -25.35 -5.60
CA PHE A 268 -21.04 -26.45 -5.89
C PHE A 268 -20.12 -26.61 -4.72
N VAL A 269 -19.64 -27.85 -4.55
CA VAL A 269 -18.76 -28.23 -3.46
C VAL A 269 -17.30 -27.87 -3.80
N THR A 270 -16.68 -26.98 -3.02
CA THR A 270 -15.31 -26.63 -3.26
C THR A 270 -14.31 -27.74 -2.79
N THR A 271 -14.72 -28.58 -1.85
CA THR A 271 -13.84 -29.63 -1.31
C THR A 271 -14.27 -30.93 -1.96
N GLY A 272 -14.43 -30.86 -3.30
CA GLY A 272 -14.88 -31.96 -4.14
C GLY A 272 -14.13 -31.86 -5.46
N ASP A 273 -14.51 -32.68 -6.45
CA ASP A 273 -13.83 -32.69 -7.74
C ASP A 273 -14.31 -31.57 -8.68
N GLY A 274 -15.34 -30.85 -8.27
CA GLY A 274 -15.77 -29.74 -9.04
C GLY A 274 -16.65 -30.11 -10.23
N SER A 275 -16.84 -31.41 -10.51
CA SER A 275 -17.60 -31.86 -11.71
C SER A 275 -19.08 -31.54 -11.61
N ASP A 276 -19.54 -31.26 -10.40
CA ASP A 276 -20.92 -30.81 -10.22
C ASP A 276 -21.17 -29.48 -11.00
N LEU A 277 -20.12 -28.65 -11.09
CA LEU A 277 -20.17 -27.39 -11.83
C LEU A 277 -19.68 -27.58 -13.27
N TRP A 278 -18.49 -28.16 -13.39
CA TRP A 278 -17.80 -28.20 -14.67
C TRP A 278 -18.43 -29.05 -15.78
N HIS A 279 -19.07 -30.19 -15.49
CA HIS A 279 -19.65 -31.02 -16.56
C HIS A 279 -20.74 -30.22 -17.31
N GLU A 280 -21.45 -29.33 -16.65
CA GLU A 280 -22.48 -28.59 -17.35
C GLU A 280 -21.85 -27.37 -18.12
N PHE A 281 -20.85 -26.69 -17.53
CA PHE A 281 -20.14 -25.60 -18.19
C PHE A 281 -19.30 -26.08 -19.37
N SER A 282 -18.66 -27.23 -19.26
CA SER A 282 -17.81 -27.70 -20.37
C SER A 282 -18.61 -28.17 -21.57
N LYS A 283 -19.92 -28.42 -21.41
CA LYS A 283 -20.75 -28.94 -22.51
C LYS A 283 -21.08 -27.82 -23.46
N ASN A 284 -21.79 -26.80 -22.98
CA ASN A 284 -22.18 -25.73 -23.85
C ASN A 284 -22.00 -24.34 -23.25
N GLY A 285 -21.25 -24.24 -22.14
CA GLY A 285 -21.05 -22.96 -21.42
C GLY A 285 -22.29 -22.36 -20.77
N ILE A 286 -23.22 -23.24 -20.39
CA ILE A 286 -24.51 -22.86 -19.76
C ILE A 286 -24.60 -23.68 -18.47
N LEU A 287 -24.78 -22.96 -17.35
CA LEU A 287 -24.99 -23.57 -16.05
C LEU A 287 -26.48 -23.96 -15.88
N ASP A 288 -26.75 -24.74 -14.85
CA ASP A 288 -28.04 -25.45 -14.58
C ASP A 288 -29.13 -24.52 -13.96
N ASN A 289 -28.75 -23.34 -13.50
CA ASN A 289 -29.71 -22.46 -12.84
C ASN A 289 -30.38 -23.08 -11.58
N LYS A 290 -29.62 -23.95 -10.91
CA LYS A 290 -30.03 -24.61 -9.70
C LYS A 290 -29.74 -23.75 -8.43
N ASP A 291 -30.82 -23.23 -7.86
CA ASP A 291 -30.85 -22.58 -6.56
C ASP A 291 -30.82 -23.68 -5.52
N ASP A 292 -30.12 -23.45 -4.41
CA ASP A 292 -30.12 -24.36 -3.30
C ASP A 292 -29.53 -23.68 -2.06
N GLU A 293 -30.40 -23.41 -1.09
CA GLU A 293 -30.02 -22.63 0.08
C GLU A 293 -29.62 -23.50 1.27
N THR A 294 -29.47 -24.81 1.04
CA THR A 294 -29.14 -25.75 2.10
C THR A 294 -27.80 -25.38 2.75
N PRO A 295 -27.80 -25.09 4.05
CA PRO A 295 -26.47 -24.77 4.62
C PRO A 295 -25.54 -25.98 4.63
N THR A 296 -24.25 -25.73 4.54
CA THR A 296 -23.33 -26.83 4.65
C THR A 296 -22.93 -27.04 6.12
N LYS A 297 -22.39 -28.23 6.36
CA LYS A 297 -21.89 -28.64 7.65
C LYS A 297 -20.36 -28.59 7.60
N GLN A 298 -19.71 -29.58 6.99
CA GLN A 298 -18.22 -29.63 6.87
C GLN A 298 -17.64 -29.24 5.51
N ASP A 299 -18.34 -29.61 4.42
CA ASP A 299 -17.95 -29.30 3.07
C ASP A 299 -17.87 -27.79 2.81
N GLY A 300 -16.80 -27.39 2.13
CA GLY A 300 -16.69 -26.04 1.58
C GLY A 300 -17.57 -25.94 0.34
N ILE A 301 -18.23 -24.78 0.20
CA ILE A 301 -19.14 -24.51 -0.91
C ILE A 301 -18.80 -23.21 -1.63
N GLY A 302 -19.38 -23.08 -2.82
CA GLY A 302 -19.21 -21.97 -3.75
C GLY A 302 -20.36 -21.73 -4.70
N SER A 303 -20.29 -20.58 -5.38
CA SER A 303 -21.29 -20.16 -6.36
C SER A 303 -20.67 -19.85 -7.70
N ALA A 304 -21.49 -19.91 -8.76
CA ALA A 304 -21.07 -19.66 -10.12
C ALA A 304 -22.08 -18.75 -10.81
N ILE A 305 -21.55 -17.70 -11.44
CA ILE A 305 -22.32 -16.74 -12.28
C ILE A 305 -21.69 -16.73 -13.71
N ALA A 306 -22.49 -17.04 -14.72
CA ALA A 306 -22.01 -17.12 -16.10
C ALA A 306 -22.79 -16.24 -17.11
N VAL A 307 -22.09 -15.72 -18.12
CA VAL A 307 -22.71 -15.16 -19.28
C VAL A 307 -22.40 -16.05 -20.47
N ASN A 308 -23.32 -16.09 -21.42
CA ASN A 308 -23.11 -16.80 -22.67
C ASN A 308 -23.73 -15.94 -23.80
N PHE A 309 -22.94 -15.82 -24.87
CA PHE A 309 -23.28 -14.97 -26.02
C PHE A 309 -22.73 -15.58 -27.32
N LYS A 310 -23.36 -15.24 -28.41
CA LYS A 310 -22.90 -15.62 -29.76
C LYS A 310 -22.22 -14.40 -30.39
N LEU A 311 -20.92 -14.52 -30.70
CA LEU A 311 -20.19 -13.41 -31.37
C LEU A 311 -20.06 -13.66 -32.87
N GLN A 312 -20.67 -12.77 -33.66
CA GLN A 312 -20.51 -12.78 -35.11
C GLN A 312 -19.16 -12.19 -35.49
N PRO A 313 -18.69 -12.50 -36.72
CA PRO A 313 -17.36 -11.97 -37.16
C PRO A 313 -17.28 -10.47 -36.97
N GLY A 314 -16.19 -10.03 -36.34
CA GLY A 314 -15.93 -8.62 -36.12
C GLY A 314 -16.86 -7.93 -35.12
N GLN A 315 -17.61 -8.71 -34.35
CA GLN A 315 -18.46 -8.12 -33.34
C GLN A 315 -17.65 -7.97 -32.02
N THR A 316 -17.95 -6.90 -31.31
CA THR A 316 -17.48 -6.71 -29.93
C THR A 316 -18.67 -6.67 -28.98
N ILE A 317 -18.50 -7.32 -27.82
CA ILE A 317 -19.41 -7.24 -26.72
C ILE A 317 -18.60 -6.87 -25.43
N GLU A 318 -19.23 -6.06 -24.59
CA GLU A 318 -18.71 -5.70 -23.26
C GLU A 318 -19.70 -6.12 -22.17
N VAL A 319 -19.18 -6.71 -21.08
CA VAL A 319 -20.02 -7.14 -19.97
C VAL A 319 -19.33 -7.01 -18.58
N PRO A 320 -19.97 -6.32 -17.60
CA PRO A 320 -19.37 -6.19 -16.24
C PRO A 320 -19.89 -7.24 -15.20
N PHE A 321 -18.90 -7.86 -14.57
CA PHE A 321 -19.02 -8.66 -13.35
C PHE A 321 -18.52 -7.84 -12.12
N ALA A 322 -18.88 -8.25 -10.91
CA ALA A 322 -18.28 -7.63 -9.70
C ALA A 322 -18.22 -8.60 -8.59
N LEU A 323 -17.46 -8.20 -7.57
CA LEU A 323 -17.23 -8.96 -6.37
C LEU A 323 -17.33 -7.96 -5.19
N SER A 324 -18.25 -8.23 -4.26
CA SER A 324 -18.27 -7.48 -2.97
C SER A 324 -17.97 -8.40 -1.77
N TRP A 325 -17.54 -7.74 -0.69
CA TRP A 325 -17.38 -8.45 0.59
C TRP A 325 -17.82 -7.61 1.77
N ASP A 326 -18.88 -8.04 2.44
CA ASP A 326 -19.40 -7.32 3.61
C ASP A 326 -18.96 -8.08 4.82
N LEU A 327 -17.82 -7.63 5.37
CA LEU A 327 -17.21 -8.22 6.58
C LEU A 327 -17.03 -7.04 7.49
N PRO A 328 -18.09 -6.61 8.17
CA PRO A 328 -18.09 -5.24 8.73
C PRO A 328 -17.22 -5.01 9.94
N ILE A 329 -16.85 -6.10 10.61
CA ILE A 329 -16.05 -6.02 11.86
C ILE A 329 -14.63 -6.49 11.62
N MET A 330 -13.69 -5.66 12.10
CA MET A 330 -12.32 -6.06 12.23
C MET A 330 -12.07 -6.22 13.71
N LYS A 331 -11.32 -7.25 14.06
CA LYS A 331 -10.91 -7.48 15.44
C LYS A 331 -9.39 -7.46 15.54
N PHE A 332 -8.82 -6.82 16.54
CA PHE A 332 -7.37 -6.88 16.74
C PHE A 332 -7.04 -7.82 17.91
N GLY A 333 -5.84 -8.38 17.90
CA GLY A 333 -5.41 -9.43 18.83
C GLY A 333 -5.47 -9.04 20.31
N GLY A 334 -5.42 -7.75 20.62
CA GLY A 334 -5.67 -7.24 21.98
C GLY A 334 -7.12 -7.26 22.45
N GLY A 335 -8.06 -7.64 21.59
CA GLY A 335 -9.48 -7.80 21.97
C GLY A 335 -10.43 -6.83 21.30
N ASP A 336 -9.98 -5.64 20.89
CA ASP A 336 -10.93 -4.62 20.41
C ASP A 336 -11.54 -5.03 19.06
N LYS A 337 -12.82 -4.69 18.92
CA LYS A 337 -13.57 -4.90 17.71
C LYS A 337 -14.06 -3.53 17.20
N TRP A 338 -13.95 -3.30 15.90
CA TRP A 338 -14.36 -2.04 15.31
C TRP A 338 -15.11 -2.32 14.03
N TYR A 339 -15.96 -1.36 13.70
CA TYR A 339 -16.60 -1.34 12.41
C TYR A 339 -15.67 -0.74 11.40
N LYS A 340 -15.74 -1.31 10.19
CA LYS A 340 -15.07 -0.76 9.02
C LYS A 340 -15.80 0.47 8.42
N MET A 341 -15.03 1.39 7.84
CA MET A 341 -15.51 2.70 7.41
C MET A 341 -16.72 2.59 6.45
N TYR A 342 -16.64 1.65 5.50
CA TYR A 342 -17.69 1.50 4.53
C TYR A 342 -19.06 1.23 5.11
N THR A 343 -19.10 0.67 6.33
CA THR A 343 -20.35 0.45 7.08
C THR A 343 -21.17 1.75 7.29
N LYS A 344 -20.49 2.91 7.24
CA LYS A 344 -21.16 4.22 7.24
C LYS A 344 -22.16 4.40 6.08
N TYR A 345 -21.89 3.77 4.95
CA TYR A 345 -22.68 3.91 3.74
C TYR A 345 -23.54 2.71 3.42
N PHE A 346 -23.31 1.56 4.04
CA PHE A 346 -24.13 0.39 3.72
C PHE A 346 -24.78 -0.31 4.85
N GLY A 347 -24.33 0.02 6.08
CA GLY A 347 -24.80 -0.68 7.28
C GLY A 347 -23.76 -1.57 7.91
N LYS A 348 -24.09 -2.00 9.12
CA LYS A 348 -23.19 -2.70 10.03
C LYS A 348 -23.56 -4.11 10.25
N ASN A 349 -24.74 -4.53 9.79
CA ASN A 349 -25.19 -5.87 10.14
C ASN A 349 -24.54 -7.04 9.37
N GLY A 350 -23.63 -6.73 8.42
CA GLY A 350 -23.03 -7.81 7.62
C GLY A 350 -23.98 -8.54 6.66
N LYS A 351 -25.14 -7.96 6.40
CA LYS A 351 -26.09 -8.57 5.43
C LYS A 351 -26.29 -7.73 4.17
N ASN A 352 -25.24 -7.00 3.75
CA ASN A 352 -25.40 -5.96 2.74
C ASN A 352 -24.52 -6.16 1.46
N SER A 353 -23.98 -7.36 1.22
CA SER A 353 -23.07 -7.57 0.10
C SER A 353 -23.73 -7.22 -1.23
N PHE A 354 -24.98 -7.61 -1.41
CA PHE A 354 -25.70 -7.33 -2.64
C PHE A 354 -25.88 -5.84 -2.88
N ALA A 355 -26.11 -5.03 -1.85
CA ALA A 355 -26.28 -3.56 -2.03
C ALA A 355 -25.00 -2.96 -2.58
N ILE A 356 -23.89 -3.52 -2.12
CA ILE A 356 -22.54 -3.08 -2.49
C ILE A 356 -22.24 -3.51 -3.92
N LEU A 357 -22.49 -4.77 -4.23
CA LEU A 357 -22.42 -5.28 -5.62
C LEU A 357 -23.21 -4.44 -6.67
N LYS A 358 -24.47 -4.14 -6.34
CA LYS A 358 -25.39 -3.41 -7.20
C LYS A 358 -24.91 -1.97 -7.44
N GLU A 359 -24.50 -1.30 -6.39
CA GLU A 359 -23.94 0.06 -6.54
C GLU A 359 -22.78 -0.01 -7.57
N ALA A 360 -21.92 -1.03 -7.46
CA ALA A 360 -20.80 -1.17 -8.38
C ALA A 360 -21.26 -1.47 -9.83
N LEU A 361 -22.18 -2.41 -9.98
CA LEU A 361 -22.65 -2.78 -11.29
C LEU A 361 -23.36 -1.62 -12.00
N ASN A 362 -24.01 -0.73 -11.28
CA ASN A 362 -24.78 0.39 -11.87
C ASN A 362 -24.04 1.72 -11.97
N ASN A 363 -22.86 1.83 -11.37
CA ASN A 363 -22.07 3.07 -11.34
C ASN A 363 -20.62 2.90 -11.79
N TYR A 364 -20.19 1.70 -12.23
CA TYR A 364 -18.75 1.50 -12.55
C TYR A 364 -18.18 2.44 -13.62
N GLN A 365 -19.00 2.76 -14.63
CA GLN A 365 -18.61 3.68 -15.75
C GLN A 365 -18.25 5.07 -15.23
N LYS A 366 -19.00 5.57 -14.28
CA LYS A 366 -18.68 6.83 -13.66
C LYS A 366 -17.38 6.68 -12.86
N TRP A 367 -17.18 5.54 -12.20
CA TRP A 367 -15.94 5.35 -11.44
C TRP A 367 -14.68 5.27 -12.33
N GLU A 368 -14.79 4.61 -13.50
CA GLU A 368 -13.68 4.57 -14.47
C GLU A 368 -13.24 6.00 -14.88
N LYS A 369 -14.24 6.80 -15.25
CA LYS A 369 -14.05 8.23 -15.54
C LYS A 369 -13.39 9.01 -14.38
N MET A 370 -13.79 8.80 -13.15
CA MET A 370 -13.17 9.53 -12.06
C MET A 370 -11.72 9.15 -11.89
N ILE A 371 -11.42 7.86 -12.11
CA ILE A 371 -10.04 7.37 -12.03
C ILE A 371 -9.20 8.03 -13.14
N ASP A 372 -9.73 7.97 -14.39
CA ASP A 372 -9.20 8.67 -15.55
C ASP A 372 -8.99 10.14 -15.26
N ASP A 373 -10.01 10.85 -14.78
CA ASP A 373 -9.84 12.27 -14.44
C ASP A 373 -8.68 12.53 -13.49
N TRP A 374 -8.35 11.63 -12.55
CA TRP A 374 -7.21 11.92 -11.65
C TRP A 374 -5.87 11.43 -12.19
N GLN A 375 -5.85 10.39 -13.00
CA GLN A 375 -4.57 9.96 -13.57
C GLN A 375 -4.10 10.84 -14.77
N LYS A 376 -5.04 11.48 -15.46
CA LYS A 376 -4.75 12.20 -16.71
C LYS A 376 -3.69 13.29 -16.56
N PRO A 377 -3.75 14.10 -15.51
CA PRO A 377 -2.69 15.16 -15.43
C PRO A 377 -1.25 14.67 -15.47
N ILE A 378 -1.00 13.47 -14.98
CA ILE A 378 0.31 12.93 -14.95
C ILE A 378 0.52 12.15 -16.21
N LEU A 379 -0.45 11.33 -16.60
CA LEU A 379 -0.29 10.48 -17.78
C LEU A 379 -0.06 11.28 -19.05
N SER A 380 -0.77 12.37 -19.22
CA SER A 380 -0.63 13.22 -20.41
C SER A 380 0.59 14.17 -20.38
N ASN A 381 1.28 14.35 -19.26
CA ASN A 381 2.54 15.13 -19.24
C ASN A 381 3.69 14.33 -19.90
N LYS A 382 4.07 14.73 -21.10
CA LYS A 382 5.06 14.00 -21.91
C LYS A 382 6.51 14.43 -21.64
N SER A 383 6.73 15.30 -20.65
CA SER A 383 8.07 15.51 -20.15
C SER A 383 8.53 14.44 -19.19
N LYS A 384 7.66 13.52 -18.80
CA LYS A 384 8.05 12.56 -17.75
C LYS A 384 8.11 11.21 -18.39
N PRO A 385 9.15 10.45 -18.12
CA PRO A 385 9.21 9.12 -18.73
C PRO A 385 8.10 8.18 -18.24
N ASP A 386 7.78 7.19 -19.04
CA ASP A 386 6.80 6.20 -18.68
C ASP A 386 7.19 5.40 -17.40
N TRP A 387 8.46 5.05 -17.24
CA TRP A 387 8.86 4.28 -16.05
C TRP A 387 8.52 5.06 -14.76
N TYR A 388 8.69 6.36 -14.75
CA TYR A 388 8.35 7.11 -13.56
C TYR A 388 6.81 7.09 -13.30
N LYS A 389 5.98 7.02 -14.34
CA LYS A 389 4.53 6.91 -14.15
C LYS A 389 4.14 5.54 -13.63
N THR A 390 4.75 4.49 -14.18
CA THR A 390 4.63 3.14 -13.65
C THR A 390 4.88 3.07 -12.14
N ALA A 391 5.95 3.70 -11.66
CA ALA A 391 6.32 3.62 -10.24
C ALA A 391 5.40 4.48 -9.41
N LEU A 392 5.00 5.65 -9.88
CA LEU A 392 4.26 6.59 -9.07
C LEU A 392 2.86 6.07 -8.76
N PHE A 393 2.20 5.48 -9.76
CA PHE A 393 0.86 4.99 -9.57
C PHE A 393 0.90 3.63 -8.88
N ASN A 394 1.73 2.70 -9.37
CA ASN A 394 1.74 1.40 -8.81
C ASN A 394 2.25 1.35 -7.33
N GLU A 395 3.16 2.24 -6.92
CA GLU A 395 3.56 2.32 -5.50
C GLU A 395 2.36 2.62 -4.57
N LEU A 396 1.35 3.33 -5.08
CA LEU A 396 0.08 3.51 -4.34
C LEU A 396 -0.69 2.27 -3.87
N TYR A 397 -0.38 1.09 -4.44
CA TYR A 397 -0.97 -0.18 -4.00
C TYR A 397 -0.97 -0.28 -2.47
N TYR A 398 0.12 0.15 -1.85
CA TYR A 398 0.34 -0.04 -0.43
C TYR A 398 -0.71 0.68 0.47
N LEU A 399 -1.24 1.81 0.00
CA LEU A 399 -2.27 2.54 0.74
C LEU A 399 -3.50 1.69 1.05
N ALA A 400 -3.84 0.73 0.21
CA ALA A 400 -4.97 -0.19 0.46
C ALA A 400 -4.51 -1.49 1.06
N ASP A 401 -3.31 -1.93 0.69
CA ASP A 401 -2.79 -3.24 0.96
C ASP A 401 -1.95 -3.25 2.26
N GLY A 402 -1.65 -2.06 2.79
CA GLY A 402 -0.84 -1.93 4.02
C GLY A 402 -1.56 -2.16 5.33
N GLY A 403 -2.36 -3.24 5.38
CA GLY A 403 -3.21 -3.56 6.52
C GLY A 403 -4.05 -2.39 7.03
N THR A 404 -4.60 -1.66 6.09
CA THR A 404 -5.19 -0.37 6.41
C THR A 404 -6.46 -0.48 7.26
N ALA A 405 -6.44 0.29 8.33
CA ALA A 405 -7.55 0.35 9.25
C ALA A 405 -8.20 1.71 9.31
N TRP A 406 -9.53 1.70 9.26
CA TRP A 406 -10.28 2.95 9.19
C TRP A 406 -11.66 2.69 9.81
N GLU A 407 -11.83 3.12 11.07
CA GLU A 407 -12.97 2.66 11.93
C GLU A 407 -14.18 3.57 11.90
N ASN A 408 -15.34 2.94 12.01
CA ASN A 408 -16.60 3.66 12.17
C ASN A 408 -17.33 3.18 13.42
N GLY A 409 -16.70 3.40 14.57
CA GLY A 409 -17.21 2.95 15.86
C GLY A 409 -16.65 1.61 16.33
N LYS A 410 -16.37 1.55 17.63
CA LYS A 410 -16.03 0.33 18.39
C LYS A 410 -17.33 -0.48 18.54
N VAL A 411 -17.27 -1.81 18.44
CA VAL A 411 -18.50 -2.60 18.50
C VAL A 411 -19.16 -2.41 19.88
N GLY A 412 -20.50 -2.22 19.89
CA GLY A 412 -21.25 -1.77 21.09
C GLY A 412 -20.61 -0.59 21.82
N GLU A 413 -20.60 0.59 21.18
CA GLU A 413 -19.91 1.79 21.71
C GLU A 413 -20.96 2.66 22.37
N ARG A 417 -19.62 9.64 17.90
CA ARG A 417 -18.26 10.15 17.76
C ARG A 417 -17.99 10.85 16.41
N THR A 418 -17.34 12.01 16.43
CA THR A 418 -17.11 12.84 15.23
C THR A 418 -16.18 12.25 14.13
N ASN A 419 -15.03 11.74 14.56
CA ASN A 419 -13.95 11.34 13.68
C ASN A 419 -13.94 9.85 13.43
N ASN A 420 -13.17 9.44 12.43
CA ASN A 420 -12.97 8.03 12.08
C ASN A 420 -11.48 7.87 12.08
N MET A 421 -10.96 7.10 13.01
CA MET A 421 -9.55 6.99 13.15
C MET A 421 -9.06 6.08 12.03
N PHE A 422 -7.76 6.28 11.66
CA PHE A 422 -7.10 5.71 10.49
C PHE A 422 -5.75 5.20 10.90
N GLY A 423 -5.36 4.06 10.33
CA GLY A 423 -3.96 3.66 10.46
C GLY A 423 -3.52 2.87 9.27
N LEU A 424 -2.28 3.09 8.90
CA LEU A 424 -1.59 2.36 7.87
C LEU A 424 -0.40 1.68 8.49
N LEU A 425 -0.17 0.41 8.16
CA LEU A 425 0.97 -0.29 8.72
C LEU A 425 2.31 0.22 8.13
N GLU A 426 3.33 0.14 8.94
CA GLU A 426 4.70 0.34 8.49
C GLU A 426 5.01 -0.78 7.52
N CYS A 427 4.71 -2.00 7.94
CA CYS A 427 4.78 -3.20 7.09
C CYS A 427 4.19 -4.40 7.91
N PHE A 428 4.30 -5.62 7.41
CA PHE A 428 3.76 -6.79 8.13
C PHE A 428 4.80 -7.44 9.01
N ASP A 429 6.07 -7.46 8.64
CA ASP A 429 7.10 -8.02 9.51
C ASP A 429 7.29 -7.17 10.80
N TYR A 430 7.14 -5.88 10.68
CA TYR A 430 7.23 -4.96 11.79
C TYR A 430 5.86 -4.32 11.90
N ASN A 431 4.95 -5.02 12.54
CA ASN A 431 3.52 -4.80 12.42
C ASN A 431 3.10 -3.58 13.26
N TYR A 432 3.57 -2.38 12.88
CA TYR A 432 3.28 -1.18 13.66
C TYR A 432 2.41 -0.20 12.86
N TYR A 433 1.37 0.38 13.45
CA TYR A 433 0.57 1.36 12.73
C TYR A 433 1.22 2.71 12.81
N GLU A 434 1.30 3.35 11.65
CA GLU A 434 1.69 4.73 11.47
C GLU A 434 3.07 5.14 12.02
N THR A 435 4.00 4.20 12.05
CA THR A 435 5.31 4.49 12.51
C THR A 435 5.83 5.89 12.03
N LEU A 436 6.03 6.80 12.94
CA LEU A 436 6.12 8.19 12.57
C LEU A 436 7.41 8.52 11.83
N ASP A 437 8.51 7.89 12.21
CA ASP A 437 9.80 8.15 11.62
C ASP A 437 9.80 7.63 10.17
N VAL A 438 8.87 6.73 9.86
CA VAL A 438 8.67 6.21 8.53
C VAL A 438 7.60 7.02 7.69
N ARG A 439 6.49 7.42 8.33
CA ARG A 439 5.43 8.17 7.65
C ARG A 439 5.93 9.59 7.28
N PHE A 440 6.98 10.07 7.96
CA PHE A 440 7.66 11.32 7.57
C PHE A 440 7.95 11.33 6.05
N TYR A 441 8.36 10.15 5.55
CA TYR A 441 8.58 9.84 4.13
C TYR A 441 7.35 9.30 3.42
N GLY A 442 6.79 8.24 3.98
CA GLY A 442 5.68 7.52 3.35
C GLY A 442 4.32 8.19 3.32
N SER A 443 4.13 9.27 4.08
CA SER A 443 2.80 9.89 4.17
C SER A 443 2.42 10.83 2.98
N PHE A 444 3.29 11.03 2.00
CA PHE A 444 3.06 12.03 0.94
C PHE A 444 1.74 11.80 0.13
N PRO A 445 1.43 10.53 -0.23
CA PRO A 445 0.17 10.36 -0.99
C PRO A 445 -1.07 10.79 -0.21
N LEU A 446 -1.06 10.59 1.10
CA LEU A 446 -2.25 10.96 1.89
C LEU A 446 -2.35 12.48 2.04
N VAL A 447 -1.24 13.19 2.25
CA VAL A 447 -1.38 14.66 2.32
C VAL A 447 -1.79 15.29 0.97
N MET A 448 -1.30 14.72 -0.13
CA MET A 448 -1.54 15.24 -1.46
C MET A 448 -2.84 14.79 -2.07
N LEU A 449 -3.32 13.60 -1.73
CA LEU A 449 -4.53 13.00 -2.36
C LEU A 449 -5.79 12.74 -1.48
N TRP A 450 -5.58 12.56 -0.16
CA TRP A 450 -6.65 12.32 0.80
C TRP A 450 -6.32 13.13 2.08
N PRO A 451 -6.26 14.46 1.95
CA PRO A 451 -5.71 15.28 3.05
C PRO A 451 -6.51 15.21 4.38
N ASP A 452 -7.83 14.95 4.27
CA ASP A 452 -8.65 14.81 5.47
C ASP A 452 -8.23 13.59 6.35
N ILE A 453 -7.70 12.54 5.74
CA ILE A 453 -7.18 11.40 6.48
C ILE A 453 -5.88 11.80 7.14
N GLU A 454 -5.02 12.43 6.37
CA GLU A 454 -3.67 12.82 6.88
C GLU A 454 -3.83 13.73 8.10
N LYS A 455 -4.77 14.65 8.04
CA LYS A 455 -4.97 15.54 9.20
C LYS A 455 -5.54 14.82 10.40
N GLN A 456 -6.37 13.81 10.16
CA GLN A 456 -6.87 12.91 11.22
C GLN A 456 -5.73 12.18 11.91
N VAL A 457 -4.84 11.56 11.13
CA VAL A 457 -3.73 10.81 11.68
C VAL A 457 -2.81 11.71 12.54
N MET A 458 -2.55 12.92 12.10
CA MET A 458 -1.64 13.81 12.83
C MET A 458 -2.26 14.38 14.11
N ARG A 459 -3.59 14.63 14.11
CA ARG A 459 -4.33 14.85 15.34
C ARG A 459 -4.21 13.63 16.27
N GLN A 460 -4.31 12.42 15.74
CA GLN A 460 -4.11 11.22 16.62
C GLN A 460 -2.77 11.37 17.31
N PHE A 461 -1.70 11.69 16.57
CA PHE A 461 -0.39 11.89 17.23
C PHE A 461 -0.35 13.02 18.27
N ALA A 462 -0.98 14.16 17.96
CA ALA A 462 -1.03 15.32 18.88
C ALA A 462 -1.65 14.94 20.22
N ASP A 463 -2.75 14.18 20.15
CA ASP A 463 -3.43 13.63 21.31
C ASP A 463 -2.57 12.75 22.23
N THR A 464 -1.56 12.08 21.73
CA THR A 464 -0.65 11.29 22.53
C THR A 464 0.56 12.06 23.10
N ILE A 465 0.71 13.36 22.84
CA ILE A 465 2.02 13.99 23.18
C ILE A 465 2.26 13.83 24.69
N ASN A 466 1.27 14.17 25.49
CA ASN A 466 1.44 14.09 26.97
C ASN A 466 0.95 12.81 27.69
N VAL A 467 0.68 11.71 26.97
CA VAL A 467 0.33 10.46 27.63
C VAL A 467 1.58 9.99 28.32
N GLN A 468 1.39 9.50 29.54
CA GLN A 468 2.42 8.82 30.33
C GLN A 468 1.96 7.36 30.56
N ASP A 469 2.89 6.45 30.48
CA ASP A 469 2.69 5.07 30.84
C ASP A 469 4.03 4.73 31.46
N SER A 470 4.06 4.74 32.81
CA SER A 470 5.28 4.39 33.60
C SER A 470 5.59 2.89 33.66
N SER A 471 4.70 2.06 33.10
CA SER A 471 4.93 0.62 33.03
C SER A 471 6.14 0.37 32.14
N GLU A 472 7.03 -0.53 32.56
CA GLU A 472 8.32 -0.74 31.91
C GLU A 472 8.38 -1.99 31.02
N PHE A 473 9.22 -1.92 29.99
CA PHE A 473 9.37 -2.97 28.96
C PHE A 473 10.84 -3.19 28.65
N LYS A 474 11.15 -4.38 28.12
CA LYS A 474 12.52 -4.84 27.83
C LYS A 474 12.88 -4.41 26.42
N VAL A 475 13.97 -3.65 26.31
CA VAL A 475 14.52 -3.17 25.05
C VAL A 475 15.24 -4.33 24.32
N GLY A 476 14.70 -4.78 23.18
CA GLY A 476 15.27 -5.89 22.39
C GLY A 476 16.75 -5.76 22.04
N SER A 477 17.22 -4.52 21.81
CA SER A 477 18.62 -4.28 21.51
C SER A 477 19.47 -4.64 22.76
N ASN A 478 19.78 -3.66 23.62
CA ASN A 478 20.70 -3.85 24.75
C ASN A 478 20.21 -4.73 25.91
N GLY A 479 18.92 -5.03 25.96
CA GLY A 479 18.32 -5.85 27.03
C GLY A 479 17.73 -5.12 28.24
N ALA A 480 18.06 -3.84 28.41
CA ALA A 480 17.65 -3.06 29.59
C ALA A 480 16.13 -2.80 29.63
N MET A 481 15.68 -2.20 30.72
CA MET A 481 14.26 -1.91 30.90
C MET A 481 14.05 -0.41 30.76
N ALA A 482 12.84 -0.04 30.35
CA ALA A 482 12.52 1.35 30.08
C ALA A 482 11.05 1.58 30.18
N VAL A 483 10.70 2.84 30.38
CA VAL A 483 9.33 3.32 30.50
C VAL A 483 8.66 3.31 29.12
N LYS A 484 7.37 2.97 29.05
CA LYS A 484 6.69 2.76 27.77
C LYS A 484 6.52 4.07 27.00
N LYS A 485 5.99 5.10 27.66
CA LYS A 485 5.64 6.34 27.01
C LYS A 485 5.86 7.53 27.96
N VAL A 486 6.89 8.31 27.69
CA VAL A 486 7.23 9.51 28.48
C VAL A 486 6.43 10.71 27.94
N GLN A 487 5.89 11.51 28.86
CA GLN A 487 5.20 12.76 28.57
C GLN A 487 6.11 13.70 27.81
N GLY A 488 5.57 14.23 26.69
CA GLY A 488 6.23 15.20 25.82
C GLY A 488 6.97 14.59 24.65
N MET A 489 7.13 13.28 24.63
CA MET A 489 7.80 12.60 23.53
C MET A 489 6.72 11.97 22.61
N ILE A 490 6.92 12.16 21.29
CA ILE A 490 6.05 11.57 20.27
C ILE A 490 6.32 10.08 20.21
N PRO A 491 5.24 9.29 20.16
CA PRO A 491 5.43 7.87 20.12
C PRO A 491 5.94 7.44 18.77
N HIS A 492 6.75 6.40 18.75
CA HIS A 492 7.12 5.76 17.53
C HIS A 492 5.95 5.24 16.69
N ASP A 493 4.89 4.73 17.31
CA ASP A 493 3.74 4.15 16.58
C ASP A 493 2.44 4.19 17.39
N LEU A 494 1.33 3.90 16.72
CA LEU A 494 0.00 3.89 17.35
C LEU A 494 -0.49 2.50 17.58
N GLY A 495 0.42 1.58 17.89
CA GLY A 495 0.08 0.20 18.25
C GLY A 495 0.32 -0.85 17.17
N SER A 496 -0.20 -2.07 17.39
CA SER A 496 -0.04 -3.20 16.53
C SER A 496 -1.40 -3.85 16.29
N SER A 497 -1.65 -4.40 15.08
CA SER A 497 -2.85 -5.21 14.81
C SER A 497 -2.94 -6.42 15.74
N TYR A 498 -1.82 -6.88 16.31
CA TYR A 498 -1.85 -8.03 17.27
C TYR A 498 -2.25 -7.62 18.70
N ALA A 499 -2.41 -6.31 18.93
CA ALA A 499 -2.65 -5.76 20.26
C ALA A 499 -3.76 -4.77 20.13
N LEU A 500 -3.49 -3.48 20.35
CA LEU A 500 -4.59 -2.54 20.36
C LEU A 500 -4.26 -1.26 19.63
N PRO A 501 -4.45 -1.26 18.27
CA PRO A 501 -4.40 -0.02 17.49
C PRO A 501 -5.15 1.13 18.12
N TRP A 502 -4.50 2.28 18.10
CA TRP A 502 -4.99 3.59 18.61
C TRP A 502 -5.14 3.79 20.11
N ILE A 503 -5.12 2.69 20.88
CA ILE A 503 -5.37 2.72 22.34
C ILE A 503 -4.06 2.50 23.07
N LYS A 504 -3.32 1.50 22.63
CA LYS A 504 -2.00 1.18 23.13
C LYS A 504 -0.92 1.47 22.12
N ILE A 505 -0.27 2.60 22.34
CA ILE A 505 0.76 3.12 21.48
C ILE A 505 2.15 2.58 21.90
N ASN A 506 3.18 2.83 21.08
CA ASN A 506 4.54 2.31 21.29
C ASN A 506 4.62 0.76 21.40
N ALA A 507 3.99 0.05 20.49
CA ALA A 507 4.14 -1.40 20.39
C ALA A 507 5.57 -1.80 20.10
N TYR A 508 6.30 -1.00 19.37
CA TYR A 508 7.68 -1.29 19.04
C TYR A 508 8.57 -1.29 20.26
N ASP A 509 9.48 -2.24 20.32
CA ASP A 509 10.40 -2.32 21.46
C ASP A 509 11.88 -2.57 21.15
N TRP A 510 12.30 -2.70 19.91
CA TRP A 510 13.71 -3.04 19.65
C TRP A 510 14.64 -1.96 20.24
N GLN A 511 14.17 -0.73 20.25
CA GLN A 511 14.84 0.36 20.95
C GLN A 511 13.80 1.09 21.75
N ASN A 512 14.26 2.08 22.52
CA ASN A 512 13.40 2.95 23.31
C ASN A 512 13.17 4.27 22.57
N PRO A 513 11.96 4.43 21.96
CA PRO A 513 11.65 5.65 21.20
C PRO A 513 11.47 6.92 22.01
N ASN A 514 11.46 6.80 23.33
CA ASN A 514 11.28 7.96 24.18
C ASN A 514 12.53 8.84 24.32
N ILE A 515 13.69 8.33 23.88
CA ILE A 515 14.96 9.08 23.77
C ILE A 515 15.42 9.22 22.27
N TRP A 516 14.52 8.98 21.29
CA TRP A 516 14.91 9.13 19.88
C TRP A 516 15.01 10.62 19.66
N LYS A 517 16.03 11.03 18.90
CA LYS A 517 16.24 12.45 18.61
C LYS A 517 15.61 12.90 17.29
N ASP A 518 14.92 12.02 16.54
CA ASP A 518 14.22 12.43 15.30
C ASP A 518 12.71 12.58 15.40
N LEU A 519 12.06 11.83 16.28
CA LEU A 519 10.60 11.73 16.20
C LEU A 519 9.94 13.10 16.45
N ASN A 520 10.44 13.85 17.43
CA ASN A 520 9.75 15.08 17.86
C ASN A 520 9.81 16.12 16.76
N SER A 521 10.98 16.22 16.14
CA SER A 521 11.22 17.05 15.00
C SER A 521 10.35 16.69 13.80
N LYS A 522 10.34 15.41 13.45
CA LYS A 522 9.54 14.96 12.28
C LYS A 522 8.12 15.21 12.54
N TYR A 523 7.74 15.15 13.81
CA TYR A 523 6.37 15.45 14.16
C TYR A 523 6.05 16.88 13.77
N VAL A 524 6.91 17.81 14.18
CA VAL A 524 6.63 19.22 13.91
C VAL A 524 6.59 19.48 12.42
N LEU A 525 7.59 18.93 11.72
CA LEU A 525 7.69 19.03 10.27
C LEU A 525 6.49 18.50 9.51
N LEU A 526 5.94 17.37 9.96
CA LEU A 526 4.73 16.80 9.37
C LEU A 526 3.52 17.72 9.61
N VAL A 527 3.46 18.35 10.79
CA VAL A 527 2.39 19.29 11.05
C VAL A 527 2.40 20.43 10.06
N TYR A 528 3.55 21.08 9.93
CA TYR A 528 3.63 22.23 9.07
C TYR A 528 3.54 21.82 7.59
N ARG A 529 4.06 20.63 7.23
CA ARG A 529 3.90 20.17 5.86
C ARG A 529 2.41 20.07 5.55
N ASP A 530 1.64 19.52 6.48
CA ASP A 530 0.19 19.31 6.22
C ASP A 530 -0.59 20.63 6.13
N TYR A 531 -0.13 21.67 6.85
CA TYR A 531 -0.67 23.04 6.61
C TYR A 531 -0.37 23.58 5.22
N VAL A 532 0.91 23.44 4.87
CA VAL A 532 1.47 24.03 3.66
C VAL A 532 0.94 23.30 2.39
N LEU A 533 0.94 21.97 2.40
CA LEU A 533 0.43 21.23 1.28
C LEU A 533 -1.06 21.21 1.11
N THR A 534 -1.82 21.82 2.02
CA THR A 534 -3.30 21.97 1.80
C THR A 534 -3.72 23.47 1.66
N GLY A 535 -2.78 24.28 1.19
CA GLY A 535 -3.02 25.65 0.79
C GLY A 535 -2.70 26.76 1.77
N LYS A 536 -2.10 26.45 2.93
CA LYS A 536 -1.84 27.43 3.99
C LYS A 536 -3.09 28.15 4.51
N THR A 537 -4.21 27.46 4.50
CA THR A 537 -5.49 28.01 4.94
C THR A 537 -5.94 27.49 6.32
N ASP A 538 -5.54 26.27 6.72
CA ASP A 538 -6.11 25.55 7.86
C ASP A 538 -5.48 25.94 9.22
N LYS A 539 -5.83 27.15 9.70
CA LYS A 539 -5.40 27.68 11.02
C LYS A 539 -5.95 26.81 12.15
N GLU A 540 -7.19 26.32 12.02
CA GLU A 540 -7.74 25.38 13.01
C GLU A 540 -6.77 24.15 13.20
N PHE A 541 -6.32 23.52 12.14
CA PHE A 541 -5.31 22.45 12.29
C PHE A 541 -4.04 22.90 13.06
N LEU A 542 -3.52 24.08 12.75
CA LEU A 542 -2.32 24.56 13.44
C LEU A 542 -2.65 24.86 14.93
N LYS A 543 -3.82 25.47 15.15
CA LYS A 543 -4.35 25.74 16.48
C LYS A 543 -4.45 24.44 17.32
N TYR A 544 -5.04 23.39 16.76
CA TYR A 544 -5.23 22.14 17.48
C TYR A 544 -3.92 21.47 17.88
N THR A 545 -2.91 21.57 17.04
CA THR A 545 -1.62 20.89 17.22
C THR A 545 -0.55 21.76 17.85
N TRP A 546 -0.83 23.05 18.02
CA TRP A 546 0.21 24.02 18.43
C TRP A 546 0.93 23.66 19.71
N LYS A 547 0.17 23.25 20.72
CA LYS A 547 0.75 22.91 22.05
C LYS A 547 1.60 21.67 21.94
N SER A 548 1.14 20.66 21.17
CA SER A 548 1.97 19.43 20.99
C SER A 548 3.31 19.80 20.39
N VAL A 549 3.25 20.76 19.48
CA VAL A 549 4.44 21.22 18.76
C VAL A 549 5.44 21.89 19.70
N LYS A 550 4.99 22.84 20.51
CA LYS A 550 5.90 23.51 21.50
C LYS A 550 6.52 22.57 22.49
N THR A 551 5.67 21.69 23.00
CA THR A 551 6.11 20.63 23.92
C THR A 551 7.19 19.75 23.27
N ALA A 552 6.94 19.22 22.08
CA ALA A 552 7.91 18.34 21.44
C ALA A 552 9.30 18.96 21.31
N LEU A 553 9.32 20.23 20.88
CA LEU A 553 10.57 20.96 20.70
C LEU A 553 11.22 21.31 22.02
N ASP A 554 10.41 21.63 23.02
CA ASP A 554 10.94 22.01 24.33
C ASP A 554 11.61 20.81 24.96
N LYS A 555 10.97 19.64 24.88
CA LYS A 555 11.56 18.38 25.37
C LYS A 555 12.83 17.98 24.70
N LEU A 556 12.88 18.12 23.38
CA LEU A 556 14.08 17.72 22.66
C LEU A 556 15.23 18.67 23.02
N LYS A 557 14.95 19.95 23.28
CA LYS A 557 16.04 20.90 23.67
C LYS A 557 16.80 20.39 24.91
N GLU A 558 16.06 19.76 25.84
CA GLU A 558 16.62 19.22 27.07
C GLU A 558 17.63 18.15 26.78
N MET A 559 17.62 17.53 25.60
CA MET A 559 18.64 16.53 25.26
C MET A 559 19.96 17.11 24.69
N ASP A 560 20.01 18.44 24.49
CA ASP A 560 21.28 19.14 24.24
C ASP A 560 22.19 19.11 25.47
N LYS A 561 22.97 18.05 25.62
CA LYS A 561 23.91 17.96 26.71
C LYS A 561 24.92 19.11 26.59
N ASP A 562 25.80 19.06 25.60
CA ASP A 562 26.98 19.93 25.51
C ASP A 562 26.75 21.42 25.24
N ASN A 563 25.51 21.91 25.27
CA ASN A 563 25.22 23.36 25.16
C ASN A 563 25.58 24.05 23.80
N ASP A 564 25.48 23.28 22.71
CA ASP A 564 25.61 23.83 21.37
C ASP A 564 24.24 24.18 20.70
N GLY A 565 23.13 24.11 21.43
CA GLY A 565 21.78 24.37 20.89
C GLY A 565 21.11 23.26 20.06
N ILE A 566 21.70 22.07 20.03
CA ILE A 566 21.18 20.95 19.22
C ILE A 566 21.16 19.71 20.07
N PRO A 567 20.04 18.95 20.05
CA PRO A 567 20.05 17.65 20.75
C PRO A 567 21.24 16.81 20.32
N ASP A 568 21.86 16.12 21.28
CA ASP A 568 22.98 15.20 21.05
C ASP A 568 22.48 13.80 20.85
N ASN A 569 23.03 13.10 19.87
CA ASN A 569 22.81 11.65 19.77
C ASN A 569 23.76 10.96 20.74
N GLU A 570 23.36 9.82 21.28
CA GLU A 570 23.94 9.24 22.49
C GLU A 570 24.77 8.01 22.27
N GLY A 571 25.50 7.93 21.17
CA GLY A 571 26.31 6.74 20.86
C GLY A 571 25.50 5.46 20.70
N ILE A 572 24.23 5.61 20.33
CA ILE A 572 23.30 4.48 20.12
C ILE A 572 22.31 4.78 18.97
N PRO A 573 21.63 3.74 18.45
CA PRO A 573 20.65 4.10 17.41
C PRO A 573 19.45 4.77 18.04
N ASP A 574 19.50 6.09 18.20
CA ASP A 574 18.37 6.87 18.80
C ASP A 574 17.65 7.67 17.72
N GLN A 575 17.30 6.97 16.64
CA GLN A 575 16.57 7.53 15.49
C GLN A 575 16.26 6.40 14.50
N THR A 576 15.60 6.72 13.39
CA THR A 576 15.00 5.71 12.47
C THR A 576 15.98 4.61 11.95
N TYR A 577 17.24 4.97 11.87
CA TYR A 577 18.31 4.03 11.54
C TYR A 577 18.65 3.33 12.88
N ASP A 578 17.85 2.31 13.15
CA ASP A 578 17.70 1.76 14.50
C ASP A 578 18.70 0.62 14.86
N THR A 579 19.72 0.43 14.01
CA THR A 579 20.99 -0.23 14.34
C THR A 579 22.24 0.56 13.99
N TRP A 580 22.06 1.79 13.48
CA TRP A 580 23.16 2.65 13.08
C TRP A 580 23.29 3.80 14.08
N SER A 581 24.38 3.74 14.84
CA SER A 581 24.62 4.67 15.93
C SER A 581 25.10 6.01 15.49
N MET A 582 24.55 7.03 16.14
CA MET A 582 24.98 8.40 16.00
C MET A 582 25.35 8.96 17.39
N LYS A 583 26.33 9.86 17.38
CA LYS A 583 26.94 10.39 18.57
C LYS A 583 27.35 11.83 18.37
N GLY A 584 26.94 12.70 19.28
CA GLY A 584 27.28 14.12 19.20
C GLY A 584 26.22 14.80 18.39
N THR A 585 26.60 15.78 17.57
CA THR A 585 25.66 16.33 16.59
C THR A 585 25.72 15.49 15.33
N SER A 586 24.56 15.18 14.77
CA SER A 586 24.49 14.47 13.51
C SER A 586 23.82 15.33 12.41
N ALA A 587 24.23 15.08 11.16
CA ALA A 587 23.63 15.76 10.01
C ALA A 587 22.09 15.50 9.96
N TYR A 588 21.73 14.22 10.15
CA TYR A 588 20.33 13.80 10.05
C TYR A 588 19.42 14.44 11.07
N CYS A 589 19.71 14.19 12.34
CA CYS A 589 18.86 14.67 13.43
C CYS A 589 19.02 16.16 13.59
N GLY A 590 20.26 16.64 13.33
CA GLY A 590 20.56 18.06 13.46
C GLY A 590 19.84 18.90 12.45
N SER A 591 19.89 18.51 11.17
CA SER A 591 19.15 19.21 10.11
C SER A 591 17.64 19.21 10.31
N LEU A 592 17.11 18.08 10.76
CA LEU A 592 15.66 17.96 11.10
C LEU A 592 15.25 18.93 12.21
N TRP A 593 16.12 19.04 13.21
CA TRP A 593 15.97 20.01 14.31
C TRP A 593 15.88 21.48 13.80
N LEU A 594 16.84 21.87 12.97
CA LEU A 594 16.87 23.26 12.49
C LEU A 594 15.60 23.58 11.68
N ALA A 595 15.18 22.60 10.87
CA ALA A 595 14.00 22.78 10.02
C ALA A 595 12.74 22.90 10.83
N ALA A 596 12.61 22.00 11.80
CA ALA A 596 11.53 22.00 12.79
C ALA A 596 11.44 23.33 13.55
N LEU A 597 12.59 23.86 13.94
CA LEU A 597 12.67 25.18 14.64
C LEU A 597 12.21 26.26 13.71
N LYS A 598 12.63 26.18 12.46
CA LYS A 598 12.15 27.14 11.47
C LYS A 598 10.61 27.00 11.26
N ALA A 599 10.07 25.78 11.15
CA ALA A 599 8.58 25.60 10.99
C ALA A 599 7.79 26.24 12.15
N ALA A 600 8.28 25.98 13.34
CA ALA A 600 7.69 26.48 14.57
C ALA A 600 7.65 27.98 14.63
N GLN A 601 8.78 28.61 14.28
CA GLN A 601 8.82 30.08 14.14
C GLN A 601 7.72 30.55 13.25
N GLU A 602 7.60 29.91 12.08
CA GLU A 602 6.49 30.22 11.15
C GLU A 602 5.07 30.04 11.70
N ILE A 603 4.82 28.92 12.37
CA ILE A 603 3.50 28.65 12.95
C ILE A 603 3.24 29.74 14.02
N GLY A 604 4.29 30.03 14.79
CA GLY A 604 4.31 31.08 15.81
C GLY A 604 3.93 32.45 15.27
N LYS A 605 4.42 32.79 14.09
CA LYS A 605 3.98 34.02 13.35
C LYS A 605 2.56 33.89 12.92
N VAL A 606 2.16 32.73 12.40
CA VAL A 606 0.76 32.57 11.93
C VAL A 606 -0.25 32.74 13.08
N LEU A 607 0.04 32.13 14.22
CA LEU A 607 -0.86 32.14 15.36
C LEU A 607 -0.65 33.34 16.30
N LYS A 608 0.42 34.11 16.09
CA LYS A 608 0.67 35.36 16.82
C LYS A 608 1.08 35.08 18.26
N ASP A 609 2.01 34.14 18.40
CA ASP A 609 2.55 33.70 19.66
C ASP A 609 3.95 34.30 19.67
N ASN A 610 4.02 35.56 20.08
CA ASN A 610 5.27 36.29 20.00
C ASN A 610 6.41 35.57 20.68
N GLU A 611 6.20 35.08 21.88
CA GLU A 611 7.31 34.42 22.62
C GLU A 611 7.77 33.08 22.04
N ALA A 612 6.89 32.35 21.37
CA ALA A 612 7.34 31.15 20.63
C ALA A 612 8.29 31.53 19.51
N TYR A 613 7.83 32.46 18.67
CA TYR A 613 8.62 33.05 17.61
C TYR A 613 10.01 33.53 18.08
N ILE A 614 10.03 34.34 19.12
CA ILE A 614 11.32 34.87 19.61
C ILE A 614 12.22 33.72 20.08
N LYS A 615 11.65 32.78 20.85
CA LYS A 615 12.47 31.69 21.42
C LYS A 615 13.03 30.73 20.34
N TYR A 616 12.15 30.33 19.42
CA TYR A 616 12.55 29.38 18.39
C TYR A 616 13.49 30.01 17.36
N ASN A 617 13.30 31.30 17.08
CA ASN A 617 14.32 32.08 16.35
C ASN A 617 15.68 32.04 17.06
N GLU A 618 15.75 32.41 18.34
CA GLU A 618 17.05 32.33 19.06
C GLU A 618 17.70 30.94 19.04
N TRP A 619 16.90 29.90 19.26
CA TRP A 619 17.45 28.53 19.26
C TRP A 619 17.95 28.14 17.89
N TYR A 620 17.20 28.54 16.86
CA TYR A 620 17.60 28.28 15.46
C TYR A 620 18.90 28.99 15.07
N LYS A 621 19.03 30.26 15.42
CA LYS A 621 20.23 31.00 15.08
C LYS A 621 21.49 30.33 15.63
N ILE A 622 21.44 29.90 16.90
CA ILE A 622 22.60 29.31 17.57
C ILE A 622 22.84 27.91 17.03
N ALA A 623 21.77 27.18 16.81
CA ALA A 623 21.89 25.79 16.30
C ALA A 623 22.49 25.75 14.88
N GLN A 624 21.97 26.64 14.02
CA GLN A 624 22.45 26.83 12.63
C GLN A 624 23.98 27.07 12.54
N GLN A 625 24.48 28.13 13.22
CA GLN A 625 25.94 28.40 13.34
C GLN A 625 26.71 27.15 13.68
N ASN A 626 26.26 26.49 14.75
CA ASN A 626 27.00 25.39 15.34
C ASN A 626 26.92 24.13 14.49
N PHE A 627 25.81 23.93 13.78
CA PHE A 627 25.67 22.79 12.87
C PHE A 627 26.71 22.93 11.77
N GLU A 628 26.73 24.12 11.18
CA GLU A 628 27.74 24.52 10.21
C GLU A 628 29.20 24.30 10.69
N LYS A 629 29.56 24.92 11.82
CA LYS A 629 30.95 24.81 12.31
C LYS A 629 31.27 23.36 12.58
N GLU A 630 30.35 22.59 13.16
CA GLU A 630 30.73 21.19 13.51
C GLU A 630 30.82 20.23 12.32
N LEU A 631 30.10 20.50 11.25
CA LEU A 631 29.79 19.45 10.29
C LEU A 631 30.22 19.64 8.85
N TRP A 632 30.22 20.90 8.38
CA TRP A 632 30.66 21.22 7.03
C TRP A 632 32.16 20.96 6.87
N ASN A 633 32.54 20.14 5.88
CA ASN A 633 33.95 19.68 5.68
C ASN A 633 34.61 20.18 4.36
N GLY A 634 33.96 21.12 3.67
CA GLY A 634 34.34 21.54 2.33
C GLY A 634 33.58 20.89 1.17
N GLU A 635 33.15 19.64 1.32
CA GLU A 635 32.50 18.87 0.23
C GLU A 635 31.06 18.41 0.56
N TYR A 636 30.87 17.96 1.81
CA TYR A 636 29.56 17.51 2.30
C TYR A 636 29.49 17.76 3.80
N TYR A 637 28.39 17.33 4.41
CA TYR A 637 28.21 17.40 5.85
C TYR A 637 28.55 16.08 6.48
N ASN A 638 29.38 16.09 7.54
CA ASN A 638 29.84 14.82 8.15
C ASN A 638 28.66 14.08 8.81
N PHE A 639 28.63 12.75 8.72
CA PHE A 639 27.57 11.94 9.39
C PHE A 639 27.26 12.38 10.87
N ASP A 640 28.31 12.58 11.68
CA ASP A 640 28.18 13.18 13.04
C ASP A 640 29.54 13.72 13.58
N THR A 641 29.59 14.22 14.80
CA THR A 641 30.88 14.70 15.35
C THR A 641 31.75 13.62 16.02
N GLU A 642 31.15 12.56 16.56
CA GLU A 642 31.83 11.68 17.53
C GLU A 642 31.94 10.19 17.24
N SER A 643 31.26 9.68 16.20
CA SER A 643 31.39 8.26 15.84
C SER A 643 32.73 7.98 15.18
N ASP A 644 33.17 6.74 15.24
CA ASP A 644 34.32 6.28 14.41
C ASP A 644 34.04 6.45 12.90
N HIS A 645 32.76 6.51 12.53
CA HIS A 645 32.33 6.65 11.15
C HIS A 645 31.80 8.08 10.89
N LYS A 646 32.30 9.04 11.65
CA LYS A 646 31.88 10.46 11.56
C LYS A 646 32.00 11.11 10.18
N ASP A 647 33.00 10.68 9.39
CA ASP A 647 33.30 11.26 8.06
C ASP A 647 32.61 10.48 6.91
N SER A 648 31.72 9.55 7.24
CA SER A 648 30.91 8.89 6.21
C SER A 648 29.98 9.88 5.49
N ILE A 649 29.77 9.63 4.20
CA ILE A 649 28.83 10.42 3.38
C ILE A 649 27.51 9.73 3.51
N MET A 650 26.57 10.36 4.21
CA MET A 650 25.21 9.79 4.43
C MET A 650 24.16 10.31 3.37
N ALA A 651 23.37 9.38 2.82
CA ALA A 651 22.41 9.75 1.78
C ALA A 651 21.39 10.74 2.30
N ASP A 652 21.05 10.58 3.56
CA ASP A 652 19.98 11.33 4.18
C ASP A 652 20.50 12.52 4.97
N GLN A 653 21.78 12.87 4.74
CA GLN A 653 22.44 13.88 5.57
C GLN A 653 21.72 15.24 5.68
N LEU A 654 20.88 15.63 4.72
CA LEU A 654 20.28 16.92 4.77
C LEU A 654 18.79 16.80 4.68
N ALA A 655 18.23 15.81 5.39
CA ALA A 655 16.76 15.54 5.37
C ALA A 655 15.91 16.72 5.89
N GLY A 656 16.47 17.50 6.81
CA GLY A 656 15.83 18.73 7.25
C GLY A 656 15.73 19.75 6.13
N GLN A 657 16.78 19.89 5.33
CA GLN A 657 16.70 20.84 4.20
C GLN A 657 15.73 20.40 3.09
N TRP A 658 15.63 19.09 2.89
CA TRP A 658 14.62 18.56 1.98
C TRP A 658 13.20 18.96 2.35
N TYR A 659 12.86 18.73 3.61
CA TYR A 659 11.54 19.15 4.07
C TYR A 659 11.41 20.68 4.07
N ALA A 660 12.46 21.44 4.39
CA ALA A 660 12.34 22.91 4.35
C ALA A 660 11.93 23.42 2.95
N ASP A 661 12.43 22.76 1.92
CA ASP A 661 12.05 23.08 0.54
C ASP A 661 10.57 22.87 0.29
N ILE A 662 10.11 21.69 0.64
CA ILE A 662 8.70 21.32 0.48
C ILE A 662 7.83 22.26 1.28
N LEU A 663 8.35 22.68 2.44
CA LEU A 663 7.64 23.57 3.35
C LEU A 663 7.79 25.05 3.02
N ARG A 664 8.65 25.39 2.05
CA ARG A 664 8.88 26.77 1.58
C ARG A 664 9.35 27.68 2.71
N LEU A 665 10.29 27.14 3.47
CA LEU A 665 10.95 27.82 4.61
C LEU A 665 12.34 28.40 4.30
N GLY A 666 12.85 28.18 3.08
CA GLY A 666 14.10 28.76 2.65
C GLY A 666 15.28 27.91 2.97
N ASP A 667 16.42 28.57 2.91
CA ASP A 667 17.68 27.93 3.20
C ASP A 667 17.85 27.85 4.69
N ILE A 668 17.91 26.62 5.22
CA ILE A 668 18.43 26.42 6.56
C ILE A 668 19.96 26.26 6.53
N LEU A 669 20.48 25.85 5.38
CA LEU A 669 21.91 25.78 5.11
C LEU A 669 22.23 26.50 3.80
N PRO A 670 23.49 26.96 3.62
CA PRO A 670 23.89 27.68 2.39
C PRO A 670 23.64 26.88 1.07
N LYS A 671 23.08 27.56 0.05
CA LYS A 671 22.73 26.95 -1.25
C LYS A 671 23.91 26.20 -1.88
N ASP A 672 25.07 26.84 -1.88
CA ASP A 672 26.27 26.28 -2.47
C ASP A 672 26.67 24.93 -1.81
N HIS A 673 26.58 24.87 -0.49
CA HIS A 673 26.96 23.69 0.32
C HIS A 673 25.96 22.53 0.13
N VAL A 674 24.67 22.88 0.06
CA VAL A 674 23.63 21.89 -0.24
C VAL A 674 23.87 21.27 -1.62
N GLN A 675 24.35 22.09 -2.55
CA GLN A 675 24.55 21.66 -3.93
C GLN A 675 25.75 20.71 -4.01
N LYS A 676 26.79 21.09 -3.29
CA LYS A 676 27.95 20.22 -3.12
C LYS A 676 27.62 18.91 -2.44
N ALA A 677 26.82 18.94 -1.38
CA ALA A 677 26.48 17.70 -0.68
C ALA A 677 25.70 16.74 -1.60
N LEU A 678 24.67 17.27 -2.21
CA LEU A 678 23.87 16.46 -3.17
C LEU A 678 24.69 15.83 -4.31
N LYS A 679 25.59 16.63 -4.85
CA LYS A 679 26.45 16.24 -5.98
C LYS A 679 27.33 15.10 -5.53
N LYS A 680 27.96 15.26 -4.36
CA LYS A 680 28.76 14.24 -3.71
C LYS A 680 27.99 12.91 -3.45
N ILE A 681 26.79 13.03 -2.91
CA ILE A 681 25.95 11.86 -2.62
C ILE A 681 25.67 11.14 -3.92
N TYR A 682 25.36 11.88 -4.99
CA TYR A 682 25.15 11.27 -6.32
C TYR A 682 26.42 10.56 -6.85
N GLU A 683 27.55 11.26 -6.73
CA GLU A 683 28.80 10.79 -7.22
C GLU A 683 29.22 9.50 -6.46
N PHE A 684 29.06 9.53 -5.12
CA PHE A 684 29.42 8.39 -4.24
C PHE A 684 28.28 7.39 -3.97
N ASN A 685 27.28 7.80 -3.22
CA ASN A 685 26.21 6.87 -2.75
C ASN A 685 25.43 6.20 -3.85
N VAL A 686 25.15 6.93 -4.94
CA VAL A 686 24.49 6.36 -6.11
C VAL A 686 25.52 5.72 -7.06
N MET A 687 26.38 6.56 -7.62
CA MET A 687 27.21 6.19 -8.79
C MET A 687 28.24 5.18 -8.51
N LYS A 688 28.83 5.19 -7.31
CA LYS A 688 29.85 4.17 -6.95
C LYS A 688 29.25 2.89 -6.38
N PHE A 689 27.92 2.82 -6.29
CA PHE A 689 27.21 1.66 -5.76
C PHE A 689 26.55 0.98 -6.95
N GLU A 690 27.20 -0.10 -7.43
CA GLU A 690 26.75 -0.89 -8.57
C GLU A 690 26.33 0.02 -9.71
N ASN A 691 27.21 0.96 -9.99
CA ASN A 691 27.09 1.85 -11.13
C ASN A 691 25.80 2.66 -11.10
N GLY A 692 25.39 3.05 -9.89
CA GLY A 692 24.18 3.83 -9.76
C GLY A 692 22.95 3.19 -10.39
N LYS A 693 22.90 1.86 -10.44
CA LYS A 693 21.71 1.14 -10.99
C LYS A 693 20.72 0.60 -9.95
N MET A 694 20.90 0.95 -8.66
CA MET A 694 20.13 0.39 -7.52
C MET A 694 19.74 1.37 -6.41
N GLY A 695 19.81 2.66 -6.64
CA GLY A 695 19.48 3.62 -5.62
C GLY A 695 20.70 4.16 -4.90
N ALA A 696 20.40 4.89 -3.81
CA ALA A 696 21.41 5.52 -2.99
C ALA A 696 21.76 4.62 -1.78
N VAL A 697 22.97 4.13 -1.69
CA VAL A 697 23.34 3.35 -0.52
C VAL A 697 23.47 4.35 0.66
N ASN A 698 22.97 3.97 1.83
CA ASN A 698 22.89 4.92 2.99
C ASN A 698 24.22 5.58 3.39
N GLY A 699 25.29 4.79 3.43
CA GLY A 699 26.58 5.28 3.94
C GLY A 699 27.77 4.94 3.08
N MET A 700 28.52 5.95 2.66
CA MET A 700 29.75 5.69 1.94
C MET A 700 30.93 6.39 2.57
N ARG A 701 32.08 5.70 2.56
N ARG A 701 32.08 5.73 2.57
CA ARG A 701 33.36 6.27 3.03
CA ARG A 701 33.29 6.32 3.13
C ARG A 701 33.85 7.27 2.01
C ARG A 701 33.92 7.20 2.05
N PRO A 702 34.66 8.27 2.45
CA PRO A 702 35.17 9.24 1.46
C PRO A 702 36.17 8.62 0.45
N ASP A 703 36.69 7.42 0.75
CA ASP A 703 37.46 6.65 -0.21
C ASP A 703 36.62 5.94 -1.30
N GLY A 704 35.30 6.12 -1.32
CA GLY A 704 34.45 5.48 -2.33
C GLY A 704 34.10 4.03 -2.07
N ILE A 705 34.40 3.51 -0.87
CA ILE A 705 33.94 2.18 -0.44
C ILE A 705 32.74 2.36 0.53
N VAL A 706 31.71 1.53 0.30
CA VAL A 706 30.51 1.45 1.13
C VAL A 706 30.95 1.31 2.57
N ASP A 707 30.33 2.09 3.45
CA ASP A 707 30.56 2.13 4.90
C ASP A 707 30.06 0.83 5.56
N GLU A 708 30.93 0.21 6.36
CA GLU A 708 30.68 -1.13 6.93
C GLU A 708 30.44 -1.09 8.43
N SER A 709 30.32 0.11 8.99
CA SER A 709 30.02 0.30 10.43
C SER A 709 28.75 -0.41 10.91
N ASP A 710 27.74 -0.55 10.04
CA ASP A 710 26.51 -1.28 10.38
C ASP A 710 25.86 -1.84 9.10
N ILE A 711 24.97 -2.84 9.20
CA ILE A 711 24.24 -3.36 8.02
C ILE A 711 23.42 -2.26 7.35
N GLN A 712 22.84 -1.36 8.12
CA GLN A 712 22.02 -0.29 7.57
C GLN A 712 22.80 0.69 6.66
N ALA A 713 24.04 0.99 7.05
CA ALA A 713 24.97 1.70 6.17
C ALA A 713 25.15 1.02 4.78
N GLN A 714 25.07 -0.31 4.70
CA GLN A 714 25.28 -1.03 3.45
C GLN A 714 24.01 -1.31 2.69
N GLU A 715 22.90 -0.79 3.20
CA GLU A 715 21.61 -0.95 2.59
C GLU A 715 21.23 0.31 1.83
N VAL A 716 20.56 0.07 0.69
CA VAL A 716 19.72 1.07 0.03
C VAL A 716 18.30 1.02 0.66
N TRP A 717 17.75 2.17 1.05
CA TRP A 717 16.41 2.26 1.57
C TRP A 717 15.57 2.95 0.46
N THR A 718 14.62 2.21 -0.06
CA THR A 718 13.88 2.64 -1.21
C THR A 718 13.22 4.01 -1.02
N GLY A 719 12.70 4.27 0.16
CA GLY A 719 12.06 5.54 0.44
C GLY A 719 12.98 6.70 0.72
N VAL A 720 14.18 6.41 1.24
CA VAL A 720 15.24 7.43 1.40
C VAL A 720 15.74 7.92 0.02
N THR A 721 15.91 6.96 -0.89
CA THR A 721 16.24 7.21 -2.27
C THR A 721 15.17 8.04 -3.03
N TYR A 722 13.92 7.60 -3.00
CA TYR A 722 12.90 8.38 -3.67
C TYR A 722 12.78 9.80 -3.09
N ALA A 723 12.93 9.96 -1.78
CA ALA A 723 12.91 11.31 -1.18
C ALA A 723 14.13 12.14 -1.63
N LEU A 724 15.28 11.47 -1.64
CA LEU A 724 16.52 12.12 -2.06
C LEU A 724 16.39 12.58 -3.50
N ALA A 725 15.84 11.71 -4.34
CA ALA A 725 15.57 12.07 -5.72
C ALA A 725 14.71 13.35 -5.82
N SER A 726 13.64 13.43 -5.03
CA SER A 726 12.80 14.62 -5.01
C SER A 726 13.54 15.89 -4.59
N PHE A 727 14.46 15.74 -3.64
CA PHE A 727 15.26 16.86 -3.16
C PHE A 727 16.19 17.41 -4.30
N MET A 728 16.96 16.48 -4.88
CA MET A 728 17.73 16.68 -6.11
C MET A 728 16.90 17.46 -7.19
N LYS A 729 15.70 16.97 -7.48
CA LYS A 729 14.81 17.62 -8.41
C LYS A 729 14.43 19.07 -8.01
N TYR A 730 13.98 19.34 -6.78
CA TYR A 730 13.65 20.73 -6.40
C TYR A 730 14.91 21.62 -6.52
N ARG A 731 16.08 21.04 -6.29
CA ARG A 731 17.35 21.76 -6.41
C ARG A 731 17.90 21.80 -7.85
N GLY A 732 17.12 21.41 -8.87
CA GLY A 732 17.54 21.49 -10.24
C GLY A 732 18.56 20.47 -10.75
N MET A 733 18.89 19.44 -9.96
CA MET A 733 19.71 18.32 -10.44
C MET A 733 18.78 17.25 -11.03
N THR A 734 18.06 17.67 -12.07
CA THR A 734 17.00 16.88 -12.69
C THR A 734 17.46 15.56 -13.23
N GLU A 735 18.61 15.52 -13.88
CA GLU A 735 19.10 14.28 -14.41
C GLU A 735 19.49 13.35 -13.23
N GLU A 736 20.09 13.93 -12.18
CA GLU A 736 20.56 13.13 -11.06
C GLU A 736 19.36 12.55 -10.28
N ALA A 737 18.32 13.37 -10.13
CA ALA A 737 17.05 12.96 -9.51
C ALA A 737 16.51 11.73 -10.16
N TYR A 738 16.17 11.83 -11.46
CA TYR A 738 15.58 10.72 -12.14
C TYR A 738 16.50 9.52 -12.26
N ASN A 739 17.78 9.73 -12.39
CA ASN A 739 18.73 8.61 -12.43
C ASN A 739 18.80 7.87 -11.08
N THR A 740 18.68 8.64 -10.00
CA THR A 740 18.71 8.10 -8.67
C THR A 740 17.41 7.27 -8.43
N ALA A 741 16.26 7.88 -8.69
CA ALA A 741 14.99 7.16 -8.64
C ALA A 741 14.91 5.95 -9.56
N TYR A 742 15.57 6.00 -10.71
CA TYR A 742 15.43 4.94 -11.69
C TYR A 742 15.84 3.59 -11.14
N GLY A 743 16.96 3.56 -10.41
CA GLY A 743 17.48 2.35 -9.74
C GLY A 743 16.48 1.62 -8.86
N VAL A 744 15.61 2.40 -8.21
CA VAL A 744 14.55 1.86 -7.42
C VAL A 744 13.52 1.26 -8.31
N TYR A 745 13.00 2.00 -9.29
CA TYR A 745 12.01 1.46 -10.23
C TYR A 745 12.57 0.12 -10.84
N LYS A 746 13.85 0.13 -11.21
CA LYS A 746 14.47 -0.94 -12.01
C LYS A 746 14.49 -2.23 -11.22
N MET A 747 14.94 -2.07 -9.95
CA MET A 747 14.97 -3.17 -8.99
C MET A 747 13.58 -3.71 -8.71
N THR A 748 12.59 -2.80 -8.68
CA THR A 748 11.26 -3.18 -8.31
C THR A 748 10.52 -3.85 -9.48
N TYR A 749 10.46 -3.18 -10.61
CA TYR A 749 9.55 -3.57 -11.74
C TYR A 749 10.12 -4.28 -12.97
N ASP A 750 11.45 -4.23 -13.13
CA ASP A 750 12.06 -4.49 -14.43
C ASP A 750 12.55 -5.91 -14.53
N LYS A 751 12.59 -6.42 -15.77
CA LYS A 751 13.15 -7.78 -16.02
C LYS A 751 14.52 -8.03 -15.40
N SER A 752 15.39 -7.02 -15.40
CA SER A 752 16.74 -7.05 -14.77
C SER A 752 16.79 -6.78 -13.25
N GLY A 753 15.61 -6.60 -12.61
CA GLY A 753 15.50 -6.33 -11.17
C GLY A 753 15.28 -7.58 -10.35
N LYS A 754 14.63 -7.42 -9.20
CA LYS A 754 14.54 -8.51 -8.21
C LYS A 754 13.17 -9.04 -7.91
N GLY A 755 12.14 -8.60 -8.63
CA GLY A 755 10.85 -9.24 -8.57
C GLY A 755 10.02 -8.71 -7.41
N TYR A 756 10.07 -7.41 -7.16
CA TYR A 756 9.41 -6.84 -5.96
C TYR A 756 8.14 -6.06 -6.24
N TRP A 757 7.54 -6.29 -7.42
CA TRP A 757 6.32 -5.63 -7.78
C TRP A 757 5.19 -5.91 -6.78
N PHE A 758 4.51 -4.82 -6.40
CA PHE A 758 3.46 -4.83 -5.38
C PHE A 758 3.88 -5.44 -4.01
N ARG A 759 5.18 -5.31 -3.72
CA ARG A 759 5.71 -5.63 -2.40
C ARG A 759 7.03 -4.91 -2.19
N THR A 760 7.10 -3.62 -2.60
CA THR A 760 8.34 -2.84 -2.51
C THR A 760 8.95 -2.89 -1.10
N PRO A 761 10.21 -3.31 -0.98
CA PRO A 761 10.75 -3.42 0.38
C PRO A 761 11.22 -2.14 0.96
N GLU A 762 11.56 -2.20 2.25
CA GLU A 762 12.31 -1.14 2.91
C GLU A 762 13.64 -1.08 2.21
N ALA A 763 14.31 -2.21 2.07
CA ALA A 763 15.69 -2.13 1.71
C ALA A 763 16.21 -3.28 0.90
N TRP A 764 17.39 -3.05 0.31
CA TRP A 764 18.21 -4.10 -0.31
C TRP A 764 19.67 -3.75 -0.17
N THR A 765 20.48 -4.82 -0.18
CA THR A 765 21.94 -4.77 -0.20
C THR A 765 22.41 -4.90 -1.66
N LYS A 766 23.73 -4.77 -1.89
CA LYS A 766 24.34 -4.79 -3.26
C LYS A 766 24.06 -6.01 -4.11
N ASP A 767 23.82 -7.14 -3.46
CA ASP A 767 23.38 -8.34 -4.16
C ASP A 767 21.89 -8.32 -4.54
N GLY A 768 21.13 -7.29 -4.08
CA GLY A 768 19.73 -7.12 -4.44
C GLY A 768 18.69 -7.86 -3.59
N ASN A 769 19.18 -8.73 -2.71
CA ASN A 769 18.35 -9.34 -1.71
C ASN A 769 17.82 -8.30 -0.75
N TYR A 770 16.68 -8.63 -0.13
CA TYR A 770 15.88 -7.61 0.58
C TYR A 770 15.67 -7.76 2.07
N ARG A 771 15.13 -6.67 2.62
CA ARG A 771 14.59 -6.62 3.96
C ARG A 771 13.26 -5.88 4.01
N ALA A 772 12.26 -6.59 4.47
CA ALA A 772 10.95 -6.04 4.79
C ALA A 772 10.08 -5.68 3.58
N SER A 773 9.65 -6.70 2.87
CA SER A 773 8.71 -6.54 1.74
C SER A 773 7.40 -5.88 2.22
N MET A 774 6.64 -5.27 1.31
CA MET A 774 5.40 -4.55 1.57
C MET A 774 5.58 -3.43 2.63
N TYR A 775 6.22 -2.34 2.24
CA TYR A 775 6.76 -1.39 3.15
C TYR A 775 6.24 -0.01 2.84
N MET A 776 5.97 0.78 3.87
CA MET A 776 5.37 2.07 3.74
C MET A 776 6.31 3.10 3.18
N ARG A 777 7.55 3.12 3.66
CA ARG A 777 8.47 4.18 3.20
C ARG A 777 8.47 4.58 1.70
N PRO A 778 8.55 3.61 0.74
CA PRO A 778 8.60 3.95 -0.68
C PRO A 778 7.44 4.78 -1.25
N LEU A 779 6.35 4.95 -0.51
CA LEU A 779 5.32 5.92 -0.87
C LEU A 779 5.90 7.33 -0.97
N SER A 780 7.13 7.57 -0.47
CA SER A 780 7.86 8.83 -0.71
C SER A 780 8.00 9.31 -2.18
N ILE A 781 7.88 8.39 -3.13
CA ILE A 781 7.87 8.75 -4.53
C ILE A 781 6.93 9.95 -4.82
N TRP A 782 5.75 10.03 -4.21
CA TRP A 782 4.90 11.21 -4.34
C TRP A 782 5.52 12.57 -3.95
N SER A 783 6.57 12.59 -3.14
CA SER A 783 7.31 13.87 -2.91
C SER A 783 7.90 14.48 -4.21
N MET A 784 8.27 13.59 -5.12
CA MET A 784 8.62 14.00 -6.49
C MET A 784 7.56 14.81 -7.25
N GLU A 785 6.27 14.72 -6.87
CA GLU A 785 5.18 15.53 -7.46
C GLU A 785 4.76 16.78 -6.71
N VAL A 786 5.53 17.21 -5.72
CA VAL A 786 5.12 18.36 -4.88
C VAL A 786 4.70 19.67 -5.61
#